data_6PFO
#
_entry.id   6PFO
#
_cell.length_a   121.031
_cell.length_b   121.031
_cell.length_c   263.957
_cell.angle_alpha   90.000
_cell.angle_beta   90.000
_cell.angle_gamma   120.000
#
_symmetry.space_group_name_H-M   'P 65 2 2'
#
loop_
_entity.id
_entity.type
_entity.pdbx_description
1 polymer 'Maltodextrin-binding protein,Calcitonin receptor'
2 polymer Calcitonin
3 branched alpha-D-glucopyranose-(1-4)-alpha-D-glucopyranose
4 non-polymer 2-acetamido-2-deoxy-beta-D-glucopyranose
5 non-polymer 'SULFATE ION'
6 water water
#
loop_
_entity_poly.entity_id
_entity_poly.type
_entity_poly.pdbx_seq_one_letter_code
_entity_poly.pdbx_strand_id
1 'polypeptide(L)'
;MAKIEEGKLVIWINGDKGYNGLAEVGKKFEKDTGIKVTVEHPDKLEEKFPQVAATGDGPDIIFWAHDRFGGYAQSGLLAE
ITPDKAFQDKLYPFTWDAVRYNGKLIAYPIAVEALSLIYNKDLLPNPPKTWEEIPALDKELKAKGKSALMFNLQEPYFTW
PLIAADGGYAFKYENGKYDIKDVGVDNAGAKAGLTFLVDLIKNKHMNADTDYSIAEAAFNKGETAMTINGPWAWSNIDTS
KVNYGVTVLPTFKGQPSKPFVGVLSAGINAASPNKELAKEFLENYLLTDEGLEAVNKDKPLGAVALKSYEEELAKDPRIA
ATMENAQKGEIMPNIPQMSAFWYAVRTAVINAASGRQTVDEALKDAQTNAAAEFPFLYVVGRKKMMDAQYKCYDRMQQLP
AYQGEGPYCNRTWDGWLCWDDTPAGVLSYQFCPDYFPDFDPSEKVTKYCDEKGVWFKHPENNRTWSNYTMCNAFTPEKHH
HHHH
;
A,B
2 'polypeptide(L)' LHKLQTYPRTNTGSGTP(NH2) C,D
#
loop_
_chem_comp.id
_chem_comp.type
_chem_comp.name
_chem_comp.formula
GLC D-saccharide, alpha linking alpha-D-glucopyranose 'C6 H12 O6'
NAG D-saccharide, beta linking 2-acetamido-2-deoxy-beta-D-glucopyranose 'C8 H15 N O6'
NH2 non-polymer 'AMINO GROUP' 'H2 N'
SO4 non-polymer 'SULFATE ION' 'O4 S -2'
#
# COMPACT_ATOMS: atom_id res chain seq x y z
N MET A 1 5.58 -12.22 -15.00
CA MET A 1 4.95 -13.21 -14.08
C MET A 1 5.96 -13.80 -13.06
N ALA A 2 5.81 -13.46 -11.77
CA ALA A 2 6.55 -14.11 -10.67
C ALA A 2 6.19 -15.61 -10.57
N LYS A 3 7.21 -16.43 -10.36
CA LYS A 3 7.09 -17.91 -10.29
C LYS A 3 6.96 -18.47 -8.84
N ILE A 4 6.21 -19.58 -8.74
CA ILE A 4 6.04 -20.38 -7.52
C ILE A 4 7.40 -20.96 -7.08
N GLU A 5 7.65 -20.90 -5.79
CA GLU A 5 8.98 -21.03 -5.26
C GLU A 5 8.76 -21.22 -3.76
N GLU A 6 9.41 -22.21 -3.19
CA GLU A 6 9.31 -22.46 -1.77
C GLU A 6 9.85 -21.26 -0.95
N GLY A 7 9.14 -20.87 0.09
CA GLY A 7 9.61 -19.82 1.02
C GLY A 7 9.25 -18.39 0.62
N LYS A 8 8.28 -18.26 -0.30
CA LYS A 8 7.69 -16.99 -0.65
C LYS A 8 6.23 -17.24 -1.05
N LEU A 9 5.41 -16.19 -1.12
CA LEU A 9 4.03 -16.32 -1.60
C LEU A 9 3.79 -15.45 -2.82
N VAL A 10 3.10 -16.02 -3.80
CA VAL A 10 2.59 -15.33 -4.98
C VAL A 10 1.09 -15.38 -4.93
N ILE A 11 0.47 -14.21 -5.09
CA ILE A 11 -0.94 -14.02 -4.95
C ILE A 11 -1.50 -13.40 -6.23
N TRP A 12 -2.56 -13.98 -6.75
CA TRP A 12 -3.33 -13.36 -7.82
C TRP A 12 -4.64 -12.81 -7.32
N ILE A 13 -4.99 -11.58 -7.76
CA ILE A 13 -6.25 -10.96 -7.43
C ILE A 13 -6.63 -10.02 -8.58
N ASN A 14 -7.92 -9.82 -8.76
CA ASN A 14 -8.42 -9.07 -9.92
C ASN A 14 -7.99 -7.61 -9.81
N GLY A 15 -7.72 -7.02 -10.97
CA GLY A 15 -7.20 -5.67 -11.06
C GLY A 15 -8.19 -4.57 -10.65
N ASP A 16 -9.44 -4.91 -10.36
CA ASP A 16 -10.41 -3.92 -9.80
C ASP A 16 -10.42 -3.90 -8.25
N LYS A 17 -9.66 -4.81 -7.61
CA LYS A 17 -9.60 -4.87 -6.14
CA LYS A 17 -9.60 -4.87 -6.14
C LYS A 17 -8.36 -4.11 -5.64
N GLY A 18 -8.27 -3.96 -4.33
CA GLY A 18 -7.17 -3.25 -3.72
C GLY A 18 -5.88 -4.02 -3.64
N TYR A 19 -5.28 -4.32 -4.80
CA TYR A 19 -4.09 -5.15 -4.82
C TYR A 19 -2.89 -4.48 -4.19
N ASN A 20 -2.81 -3.13 -4.21
CA ASN A 20 -1.73 -2.47 -3.53
C ASN A 20 -1.88 -2.54 -2.01
N GLY A 21 -3.11 -2.42 -1.51
CA GLY A 21 -3.37 -2.63 -0.10
C GLY A 21 -3.04 -4.07 0.32
N LEU A 22 -3.36 -5.05 -0.51
CA LEU A 22 -3.04 -6.43 -0.19
C LEU A 22 -1.53 -6.60 -0.14
N ALA A 23 -0.81 -5.94 -1.06
CA ALA A 23 0.63 -6.00 -1.02
C ALA A 23 1.18 -5.40 0.27
N GLU A 24 0.55 -4.34 0.81
CA GLU A 24 0.97 -3.78 2.09
C GLU A 24 0.81 -4.82 3.23
N VAL A 25 -0.27 -5.60 3.20
CA VAL A 25 -0.44 -6.67 4.20
C VAL A 25 0.71 -7.66 4.02
N GLY A 26 1.07 -7.94 2.76
CA GLY A 26 2.23 -8.76 2.43
C GLY A 26 3.51 -8.26 3.01
N LYS A 27 3.73 -6.94 2.98
CA LYS A 27 4.96 -6.35 3.53
C LYS A 27 5.01 -6.52 5.03
N LYS A 28 3.86 -6.37 5.70
CA LYS A 28 3.79 -6.61 7.15
C LYS A 28 4.14 -8.07 7.44
N PHE A 29 3.60 -8.99 6.66
CA PHE A 29 3.93 -10.42 6.78
C PHE A 29 5.43 -10.65 6.60
N GLU A 30 6.00 -10.04 5.58
CA GLU A 30 7.44 -10.20 5.32
C GLU A 30 8.29 -9.64 6.46
N LYS A 31 7.91 -8.47 6.96
CA LYS A 31 8.56 -7.88 8.13
C LYS A 31 8.59 -8.84 9.31
N ASP A 32 7.47 -9.50 9.62
CA ASP A 32 7.43 -10.44 10.77
C ASP A 32 8.09 -11.79 10.51
N THR A 33 8.04 -12.33 9.29
CA THR A 33 8.40 -13.71 9.02
C THR A 33 9.61 -13.89 8.12
N GLY A 34 10.04 -12.82 7.46
CA GLY A 34 11.04 -12.90 6.40
C GLY A 34 10.51 -13.43 5.07
N ILE A 35 9.22 -13.73 4.98
CA ILE A 35 8.68 -14.35 3.78
C ILE A 35 8.11 -13.25 2.86
N LYS A 36 8.72 -13.10 1.68
CA LYS A 36 8.22 -12.17 0.65
C LYS A 36 6.84 -12.59 0.08
N VAL A 37 5.99 -11.59 -0.10
CA VAL A 37 4.68 -11.77 -0.71
C VAL A 37 4.62 -10.88 -1.93
N THR A 38 4.36 -11.47 -3.08
CA THR A 38 4.19 -10.77 -4.36
C THR A 38 2.77 -10.87 -4.80
N VAL A 39 2.13 -9.72 -5.06
CA VAL A 39 0.76 -9.67 -5.51
C VAL A 39 0.75 -9.28 -6.99
N GLU A 40 0.05 -10.05 -7.79
CA GLU A 40 -0.16 -9.79 -9.22
C GLU A 40 -1.63 -9.75 -9.58
N HIS A 41 -1.97 -9.05 -10.66
CA HIS A 41 -3.36 -8.96 -11.12
C HIS A 41 -3.46 -9.23 -12.64
N PRO A 42 -3.13 -10.45 -13.05
CA PRO A 42 -3.16 -10.75 -14.48
C PRO A 42 -4.57 -10.67 -15.04
N ASP A 43 -4.68 -10.39 -16.34
CA ASP A 43 -6.00 -10.37 -16.94
C ASP A 43 -6.52 -11.81 -17.05
N LYS A 44 -7.83 -11.97 -16.92
CA LYS A 44 -8.51 -13.23 -17.05
C LYS A 44 -7.91 -14.28 -16.11
N LEU A 45 -7.54 -13.85 -14.90
CA LEU A 45 -6.84 -14.76 -14.01
C LEU A 45 -7.74 -15.98 -13.65
N GLU A 46 -9.04 -15.76 -13.61
CA GLU A 46 -10.03 -16.80 -13.27
C GLU A 46 -10.11 -17.88 -14.37
N GLU A 47 -9.80 -17.49 -15.60
CA GLU A 47 -9.68 -18.45 -16.71
C GLU A 47 -8.34 -19.07 -16.76
N LYS A 48 -7.29 -18.32 -16.49
CA LYS A 48 -5.93 -18.84 -16.57
C LYS A 48 -5.57 -19.85 -15.44
N PHE A 49 -6.12 -19.65 -14.26
CA PHE A 49 -5.65 -20.37 -13.09
C PHE A 49 -5.66 -21.90 -13.25
N PRO A 50 -6.75 -22.50 -13.76
CA PRO A 50 -6.77 -23.96 -13.78
C PRO A 50 -5.69 -24.56 -14.67
N GLN A 51 -5.48 -23.94 -15.83
CA GLN A 51 -4.47 -24.46 -16.78
CA GLN A 51 -4.47 -24.46 -16.78
C GLN A 51 -3.07 -24.33 -16.22
N VAL A 52 -2.74 -23.21 -15.58
CA VAL A 52 -1.38 -23.11 -15.01
C VAL A 52 -1.21 -23.97 -13.73
N ALA A 53 -2.24 -24.03 -12.88
CA ALA A 53 -2.18 -24.94 -11.69
C ALA A 53 -2.09 -26.43 -12.07
N ALA A 54 -2.73 -26.80 -13.19
CA ALA A 54 -2.68 -28.18 -13.70
C ALA A 54 -1.30 -28.70 -13.98
N THR A 55 -0.36 -27.81 -14.35
CA THR A 55 1.01 -28.25 -14.54
C THR A 55 1.94 -27.93 -13.39
N GLY A 56 1.37 -27.67 -12.22
CA GLY A 56 2.18 -27.39 -11.02
C GLY A 56 2.64 -25.94 -10.87
N ASP A 57 2.18 -25.03 -11.71
CA ASP A 57 2.60 -23.62 -11.65
C ASP A 57 1.42 -22.80 -11.05
N GLY A 58 1.38 -21.51 -11.34
CA GLY A 58 0.31 -20.65 -10.89
C GLY A 58 0.70 -19.99 -9.56
N PRO A 59 -0.20 -19.21 -8.99
CA PRO A 59 0.07 -18.56 -7.73
C PRO A 59 -0.11 -19.52 -6.54
N ASP A 60 0.44 -19.17 -5.39
CA ASP A 60 0.15 -19.91 -4.15
C ASP A 60 -1.31 -19.66 -3.69
N ILE A 61 -1.79 -18.43 -3.87
CA ILE A 61 -3.11 -18.02 -3.42
C ILE A 61 -3.84 -17.32 -4.58
N ILE A 62 -5.10 -17.67 -4.80
CA ILE A 62 -5.93 -17.07 -5.86
C ILE A 62 -7.16 -16.46 -5.21
N PHE A 63 -7.44 -15.20 -5.54
CA PHE A 63 -8.63 -14.50 -5.11
C PHE A 63 -9.62 -14.37 -6.26
N TRP A 64 -10.85 -14.73 -6.02
CA TRP A 64 -12.01 -14.50 -6.95
C TRP A 64 -13.25 -14.72 -6.14
N ALA A 65 -14.38 -14.27 -6.66
CA ALA A 65 -15.66 -14.68 -6.12
C ALA A 65 -15.76 -16.18 -6.07
N HIS A 66 -16.48 -16.68 -5.06
CA HIS A 66 -16.57 -18.12 -4.80
C HIS A 66 -17.17 -18.97 -5.93
N ASP A 67 -17.90 -18.35 -6.88
CA ASP A 67 -18.57 -19.11 -7.95
C ASP A 67 -17.60 -19.86 -8.85
N ARG A 68 -16.36 -19.41 -8.96
CA ARG A 68 -15.31 -20.11 -9.75
CA ARG A 68 -15.36 -20.14 -9.81
C ARG A 68 -14.69 -21.30 -9.03
N PHE A 69 -14.83 -21.35 -7.70
CA PHE A 69 -13.96 -22.25 -6.91
C PHE A 69 -14.36 -23.73 -6.95
N GLY A 70 -15.63 -24.02 -7.11
CA GLY A 70 -16.07 -25.42 -7.26
C GLY A 70 -15.45 -26.09 -8.45
N GLY A 71 -15.38 -25.37 -9.58
CA GLY A 71 -14.67 -25.91 -10.76
C GLY A 71 -13.22 -26.27 -10.50
N TYR A 72 -12.51 -25.37 -9.81
CA TYR A 72 -11.12 -25.61 -9.44
C TYR A 72 -10.98 -26.81 -8.47
N ALA A 73 -11.85 -26.85 -7.45
CA ALA A 73 -11.81 -27.97 -6.48
C ALA A 73 -12.18 -29.32 -7.10
N GLN A 74 -13.14 -29.31 -8.00
CA GLN A 74 -13.54 -30.55 -8.63
C GLN A 74 -12.39 -31.12 -9.46
N SER A 75 -11.54 -30.23 -10.00
CA SER A 75 -10.33 -30.63 -10.74
C SER A 75 -9.12 -30.94 -9.83
N GLY A 76 -9.32 -30.94 -8.50
CA GLY A 76 -8.25 -31.27 -7.56
C GLY A 76 -7.21 -30.17 -7.38
N LEU A 77 -7.57 -28.95 -7.71
CA LEU A 77 -6.58 -27.87 -7.85
C LEU A 77 -6.49 -26.98 -6.62
N LEU A 78 -7.38 -27.17 -5.63
CA LEU A 78 -7.38 -26.34 -4.42
C LEU A 78 -7.09 -27.18 -3.16
N ALA A 79 -6.25 -26.63 -2.28
CA ALA A 79 -6.00 -27.25 -0.98
C ALA A 79 -7.25 -27.11 -0.10
N GLU A 80 -7.50 -28.14 0.72
CA GLU A 80 -8.55 -28.04 1.74
C GLU A 80 -8.09 -27.00 2.75
N ILE A 81 -8.98 -26.14 3.19
CA ILE A 81 -8.58 -25.25 4.22
C ILE A 81 -9.22 -25.71 5.54
N THR A 82 -8.46 -25.52 6.61
CA THR A 82 -8.76 -26.16 7.89
C THR A 82 -8.71 -25.22 9.07
N PRO A 83 -9.54 -24.16 9.07
CA PRO A 83 -9.58 -23.28 10.22
C PRO A 83 -10.25 -23.89 11.41
N ASP A 84 -9.78 -23.52 12.58
CA ASP A 84 -10.39 -23.96 13.86
C ASP A 84 -11.71 -23.31 14.05
N LYS A 85 -12.55 -23.89 14.90
CA LYS A 85 -13.88 -23.32 15.12
C LYS A 85 -13.87 -21.90 15.66
N ALA A 86 -12.92 -21.58 16.52
CA ALA A 86 -12.81 -20.21 17.02
C ALA A 86 -12.60 -19.25 15.87
N PHE A 87 -11.75 -19.62 14.91
CA PHE A 87 -11.55 -18.80 13.73
C PHE A 87 -12.79 -18.75 12.85
N GLN A 88 -13.43 -19.90 12.61
CA GLN A 88 -14.66 -19.93 11.85
C GLN A 88 -15.74 -19.03 12.41
N ASP A 89 -15.83 -18.98 13.74
CA ASP A 89 -16.81 -18.14 14.44
C ASP A 89 -16.57 -16.64 14.21
N LYS A 90 -15.40 -16.26 13.74
CA LYS A 90 -15.16 -14.83 13.45
C LYS A 90 -15.77 -14.35 12.12
N LEU A 91 -16.23 -15.28 11.28
CA LEU A 91 -16.80 -14.94 9.97
C LEU A 91 -18.27 -15.38 9.92
N TYR A 92 -19.08 -14.73 9.09
CA TYR A 92 -20.50 -15.09 9.03
C TYR A 92 -20.67 -16.49 8.48
N PRO A 93 -21.51 -17.32 9.10
CA PRO A 93 -21.69 -18.69 8.58
C PRO A 93 -22.08 -18.79 7.10
N PHE A 94 -22.88 -17.86 6.57
CA PHE A 94 -23.22 -17.93 5.13
C PHE A 94 -21.98 -17.78 4.22
N THR A 95 -20.95 -17.11 4.70
CA THR A 95 -19.73 -16.95 3.88
C THR A 95 -18.95 -18.25 3.82
N TRP A 96 -18.90 -18.99 4.92
CA TRP A 96 -18.29 -20.29 4.91
C TRP A 96 -19.05 -21.24 4.01
N ASP A 97 -20.37 -21.15 3.99
CA ASP A 97 -21.16 -22.06 3.17
C ASP A 97 -20.86 -21.83 1.67
N ALA A 98 -20.58 -20.58 1.31
CA ALA A 98 -20.25 -20.23 -0.09
C ALA A 98 -18.97 -20.94 -0.57
N VAL A 99 -18.07 -21.23 0.34
CA VAL A 99 -16.79 -21.87 0.04
C VAL A 99 -16.72 -23.33 0.57
N ARG A 100 -17.86 -23.94 0.83
CA ARG A 100 -17.92 -25.35 1.20
CA ARG A 100 -17.92 -25.35 1.20
C ARG A 100 -18.32 -26.12 -0.05
N TYR A 101 -17.53 -27.13 -0.39
CA TYR A 101 -17.69 -27.82 -1.65
C TYR A 101 -17.38 -29.28 -1.41
N ASN A 102 -18.32 -30.17 -1.75
CA ASN A 102 -18.15 -31.61 -1.48
CA ASN A 102 -18.22 -31.63 -1.44
C ASN A 102 -17.73 -31.89 -0.01
N GLY A 103 -18.29 -31.13 0.92
CA GLY A 103 -18.00 -31.35 2.34
C GLY A 103 -16.80 -30.59 2.91
N LYS A 104 -15.96 -30.00 2.07
CA LYS A 104 -14.71 -29.41 2.51
C LYS A 104 -14.78 -27.91 2.34
N LEU A 105 -14.11 -27.17 3.23
CA LEU A 105 -13.86 -25.74 2.98
C LEU A 105 -12.74 -25.64 1.96
N ILE A 106 -12.96 -24.85 0.89
CA ILE A 106 -11.98 -24.74 -0.23
C ILE A 106 -11.40 -23.33 -0.45
N ALA A 107 -11.75 -22.39 0.42
CA ALA A 107 -11.22 -21.04 0.40
C ALA A 107 -11.57 -20.29 1.67
N TYR A 108 -10.88 -19.18 1.90
CA TYR A 108 -11.21 -18.25 2.96
C TYR A 108 -12.07 -17.11 2.40
N PRO A 109 -13.28 -16.90 2.97
CA PRO A 109 -14.08 -15.76 2.56
C PRO A 109 -13.48 -14.48 3.02
N ILE A 110 -13.54 -13.46 2.15
CA ILE A 110 -13.04 -12.14 2.46
C ILE A 110 -14.12 -11.07 2.43
N ALA A 111 -14.81 -10.90 1.31
CA ALA A 111 -15.81 -9.80 1.13
C ALA A 111 -17.11 -10.31 0.55
N VAL A 112 -18.21 -9.62 0.87
CA VAL A 112 -19.52 -10.05 0.38
C VAL A 112 -19.90 -8.98 -0.63
N GLU A 113 -19.92 -9.38 -1.90
CA GLU A 113 -20.02 -8.43 -3.00
C GLU A 113 -21.42 -8.46 -3.59
N ALA A 114 -22.11 -7.31 -3.54
CA ALA A 114 -23.39 -7.15 -4.24
C ALA A 114 -23.36 -5.81 -4.94
N LEU A 115 -23.96 -5.77 -6.14
CA LEU A 115 -24.12 -4.53 -6.86
C LEU A 115 -25.20 -3.67 -6.20
N SER A 116 -25.07 -2.36 -6.30
CA SER A 116 -26.07 -1.41 -5.85
C SER A 116 -26.32 -0.35 -6.94
N LEU A 117 -27.40 0.41 -6.76
CA LEU A 117 -27.68 1.55 -7.60
C LEU A 117 -26.91 2.72 -7.05
N ILE A 118 -26.12 3.38 -7.91
CA ILE A 118 -25.32 4.52 -7.54
C ILE A 118 -25.86 5.72 -8.28
N TYR A 119 -26.15 6.82 -7.59
CA TYR A 119 -26.82 7.94 -8.26
C TYR A 119 -26.24 9.27 -7.86
N ASN A 120 -26.33 10.22 -8.78
CA ASN A 120 -25.82 11.58 -8.61
C ASN A 120 -26.91 12.41 -7.94
N LYS A 121 -26.72 12.76 -6.67
CA LYS A 121 -27.77 13.49 -5.90
C LYS A 121 -28.09 14.87 -6.44
N ASP A 122 -27.13 15.48 -7.13
CA ASP A 122 -27.37 16.80 -7.74
C ASP A 122 -28.24 16.72 -8.98
N LEU A 123 -28.13 15.66 -9.76
CA LEU A 123 -29.00 15.48 -10.90
C LEU A 123 -30.32 14.85 -10.52
N LEU A 124 -30.31 14.06 -9.43
CA LEU A 124 -31.40 13.16 -9.15
C LEU A 124 -31.52 12.98 -7.63
N PRO A 125 -32.14 13.93 -6.95
CA PRO A 125 -32.16 13.85 -5.48
C PRO A 125 -32.96 12.65 -4.93
N ASN A 126 -34.00 12.24 -5.66
CA ASN A 126 -34.82 11.09 -5.30
C ASN A 126 -34.69 10.00 -6.40
N PRO A 127 -33.78 9.03 -6.20
CA PRO A 127 -33.57 7.97 -7.21
C PRO A 127 -34.82 7.12 -7.39
N PRO A 128 -35.03 6.57 -8.60
CA PRO A 128 -36.22 5.84 -8.91
C PRO A 128 -36.27 4.53 -8.14
N LYS A 129 -37.46 4.21 -7.60
CA LYS A 129 -37.65 2.92 -6.96
C LYS A 129 -37.86 1.76 -7.94
N THR A 130 -38.22 2.05 -9.18
CA THR A 130 -38.57 1.02 -10.15
C THR A 130 -37.80 1.20 -11.46
N TRP A 131 -37.51 0.08 -12.12
CA TRP A 131 -36.95 0.10 -13.51
C TRP A 131 -37.94 0.79 -14.46
N GLU A 132 -39.24 0.58 -14.24
CA GLU A 132 -40.28 1.07 -15.17
C GLU A 132 -40.34 2.60 -15.27
N GLU A 133 -39.89 3.30 -14.24
CA GLU A 133 -39.86 4.75 -14.30
C GLU A 133 -38.64 5.34 -15.01
N ILE A 134 -37.67 4.50 -15.38
CA ILE A 134 -36.40 5.03 -15.91
C ILE A 134 -36.55 5.68 -17.30
N PRO A 135 -37.34 5.09 -18.23
CA PRO A 135 -37.52 5.73 -19.53
C PRO A 135 -37.99 7.19 -19.44
N ALA A 136 -39.01 7.46 -18.64
CA ALA A 136 -39.50 8.86 -18.47
C ALA A 136 -38.46 9.78 -17.82
N LEU A 137 -37.68 9.23 -16.88
CA LEU A 137 -36.64 10.00 -16.25
C LEU A 137 -35.55 10.34 -17.27
N ASP A 138 -35.20 9.38 -18.11
CA ASP A 138 -34.22 9.64 -19.17
C ASP A 138 -34.69 10.72 -20.15
N LYS A 139 -35.95 10.67 -20.55
CA LYS A 139 -36.51 11.72 -21.42
C LYS A 139 -36.36 13.11 -20.77
N GLU A 140 -36.67 13.21 -19.50
CA GLU A 140 -36.55 14.46 -18.78
C GLU A 140 -35.07 14.92 -18.74
N LEU A 141 -34.15 13.97 -18.48
CA LEU A 141 -32.72 14.29 -18.41
C LEU A 141 -32.07 14.61 -19.77
N LYS A 142 -32.51 13.96 -20.83
CA LYS A 142 -31.99 14.26 -22.17
C LYS A 142 -32.30 15.71 -22.59
N ALA A 143 -33.43 16.27 -22.13
CA ALA A 143 -33.73 17.67 -22.37
C ALA A 143 -32.71 18.58 -21.71
N LYS A 144 -32.08 18.13 -20.63
CA LYS A 144 -30.95 18.85 -20.00
C LYS A 144 -29.55 18.44 -20.48
N GLY A 145 -29.44 17.65 -21.56
CA GLY A 145 -28.14 17.19 -22.06
C GLY A 145 -27.52 16.07 -21.22
N LYS A 146 -28.35 15.32 -20.48
CA LYS A 146 -27.89 14.24 -19.63
C LYS A 146 -28.63 12.94 -19.99
N SER A 147 -28.30 11.87 -19.30
CA SER A 147 -29.08 10.63 -19.41
C SER A 147 -29.33 10.11 -17.99
N ALA A 148 -30.27 9.17 -17.91
CA ALA A 148 -30.67 8.60 -16.61
C ALA A 148 -29.67 7.57 -16.10
N LEU A 149 -29.26 6.62 -16.97
CA LEU A 149 -28.58 5.44 -16.51
C LEU A 149 -27.56 4.89 -17.49
N MET A 150 -26.32 4.67 -17.02
CA MET A 150 -25.34 3.90 -17.79
C MET A 150 -24.65 2.89 -16.92
N PHE A 151 -24.62 1.65 -17.36
CA PHE A 151 -23.86 0.60 -16.68
C PHE A 151 -23.33 -0.40 -17.67
N ASN A 152 -22.42 -1.25 -17.21
CA ASN A 152 -21.73 -2.19 -18.04
C ASN A 152 -22.69 -3.21 -18.61
N LEU A 153 -22.86 -3.22 -19.94
CA LEU A 153 -23.74 -4.19 -20.60
C LEU A 153 -22.99 -5.36 -21.24
N GLN A 154 -21.67 -5.38 -21.10
CA GLN A 154 -20.86 -6.44 -21.71
C GLN A 154 -20.65 -7.64 -20.79
N GLU A 155 -20.73 -7.44 -19.48
CA GLU A 155 -20.51 -8.53 -18.52
C GLU A 155 -21.83 -8.86 -17.87
N PRO A 156 -22.26 -10.13 -17.92
CA PRO A 156 -23.62 -10.49 -17.45
C PRO A 156 -23.86 -10.33 -15.97
N TYR A 157 -22.80 -10.27 -15.18
CA TYR A 157 -22.92 -9.94 -13.76
C TYR A 157 -23.79 -8.71 -13.53
N PHE A 158 -23.65 -7.70 -14.40
CA PHE A 158 -24.28 -6.42 -14.22
C PHE A 158 -25.74 -6.37 -14.67
N THR A 159 -26.08 -7.17 -15.69
CA THR A 159 -27.44 -7.27 -16.20
C THR A 159 -28.30 -8.32 -15.51
N TRP A 160 -27.63 -9.29 -14.91
CA TRP A 160 -28.29 -10.38 -14.20
C TRP A 160 -29.35 -9.92 -13.13
N PRO A 161 -29.09 -8.86 -12.36
CA PRO A 161 -30.12 -8.51 -11.35
C PRO A 161 -31.52 -8.23 -11.93
N LEU A 162 -31.56 -7.63 -13.12
CA LEU A 162 -32.83 -7.36 -13.78
C LEU A 162 -33.44 -8.65 -14.34
N ILE A 163 -32.59 -9.51 -14.93
CA ILE A 163 -33.06 -10.78 -15.47
C ILE A 163 -33.62 -11.69 -14.37
N ALA A 164 -33.00 -11.65 -13.19
CA ALA A 164 -33.40 -12.48 -12.08
C ALA A 164 -34.62 -11.95 -11.34
N ALA A 165 -34.87 -10.64 -11.42
CA ALA A 165 -35.92 -10.01 -10.59
C ALA A 165 -37.24 -10.81 -10.62
N ASP A 166 -37.73 -11.09 -11.80
CA ASP A 166 -39.05 -11.73 -11.91
C ASP A 166 -38.98 -13.22 -12.28
N GLY A 167 -37.80 -13.83 -12.20
CA GLY A 167 -37.75 -15.30 -12.22
C GLY A 167 -36.49 -15.96 -12.74
N GLY A 168 -35.53 -15.21 -13.25
CA GLY A 168 -34.25 -15.75 -13.64
C GLY A 168 -33.49 -16.44 -12.53
N TYR A 169 -32.87 -17.59 -12.84
CA TYR A 169 -31.95 -18.24 -11.97
C TYR A 169 -30.92 -19.01 -12.76
N ALA A 170 -29.90 -19.51 -12.11
CA ALA A 170 -28.86 -20.30 -12.80
C ALA A 170 -29.31 -21.77 -12.89
N PHE A 171 -29.29 -22.48 -11.76
CA PHE A 171 -29.68 -23.89 -11.74
C PHE A 171 -30.64 -24.17 -10.57
N LYS A 172 -31.65 -24.97 -10.82
CA LYS A 172 -32.63 -25.43 -9.79
C LYS A 172 -31.90 -26.20 -8.70
N TYR A 173 -32.22 -25.92 -7.42
CA TYR A 173 -31.68 -26.67 -6.26
C TYR A 173 -32.86 -27.43 -5.62
N GLU A 174 -32.68 -28.73 -5.39
CA GLU A 174 -33.79 -29.62 -5.04
C GLU A 174 -33.22 -30.93 -4.50
N ASN A 175 -33.76 -31.41 -3.38
CA ASN A 175 -33.30 -32.67 -2.76
C ASN A 175 -31.80 -32.64 -2.45
N GLY A 176 -31.35 -31.51 -1.92
CA GLY A 176 -29.97 -31.31 -1.52
C GLY A 176 -28.93 -31.10 -2.63
N LYS A 177 -29.35 -31.02 -3.88
CA LYS A 177 -28.40 -30.93 -5.02
C LYS A 177 -28.91 -30.07 -6.16
N TYR A 178 -27.97 -29.49 -6.94
CA TYR A 178 -28.36 -28.75 -8.13
C TYR A 178 -28.72 -29.69 -9.26
N ASP A 179 -29.70 -29.29 -10.04
CA ASP A 179 -30.08 -29.99 -11.25
C ASP A 179 -29.60 -29.13 -12.39
N ILE A 180 -28.66 -29.66 -13.17
CA ILE A 180 -28.05 -28.85 -14.18
C ILE A 180 -28.64 -29.05 -15.55
N LYS A 181 -29.76 -29.76 -15.67
CA LYS A 181 -30.37 -30.04 -16.97
C LYS A 181 -30.86 -28.79 -17.72
N ASP A 182 -31.29 -27.77 -16.98
CA ASP A 182 -31.70 -26.47 -17.52
C ASP A 182 -31.00 -25.30 -16.84
N VAL A 183 -30.65 -24.28 -17.61
CA VAL A 183 -30.35 -22.98 -17.07
C VAL A 183 -31.68 -22.23 -16.87
N GLY A 184 -31.85 -21.55 -15.75
CA GLY A 184 -33.15 -20.89 -15.42
C GLY A 184 -33.40 -19.56 -16.09
N VAL A 185 -33.20 -19.51 -17.39
CA VAL A 185 -33.63 -18.38 -18.19
C VAL A 185 -34.82 -18.77 -19.11
N ASP A 186 -35.31 -20.00 -18.98
CA ASP A 186 -36.44 -20.52 -19.81
C ASP A 186 -37.81 -20.28 -19.15
N ASN A 187 -37.98 -19.09 -18.61
CA ASN A 187 -39.20 -18.75 -17.92
C ASN A 187 -39.58 -17.33 -18.33
N ALA A 188 -40.84 -17.00 -18.11
CA ALA A 188 -41.38 -15.74 -18.54
C ALA A 188 -40.66 -14.56 -17.87
N GLY A 189 -40.25 -14.74 -16.61
CA GLY A 189 -39.61 -13.70 -15.81
C GLY A 189 -38.25 -13.27 -16.34
N ALA A 190 -37.38 -14.23 -16.65
CA ALA A 190 -36.12 -13.97 -17.27
C ALA A 190 -36.31 -13.27 -18.60
N LYS A 191 -37.27 -13.77 -19.39
CA LYS A 191 -37.58 -13.14 -20.66
C LYS A 191 -38.06 -11.71 -20.48
N ALA A 192 -38.93 -11.47 -19.51
CA ALA A 192 -39.44 -10.13 -19.31
C ALA A 192 -38.31 -9.16 -18.94
N GLY A 193 -37.43 -9.60 -18.05
CA GLY A 193 -36.31 -8.77 -17.62
C GLY A 193 -35.36 -8.42 -18.77
N LEU A 194 -35.01 -9.41 -19.59
CA LEU A 194 -34.09 -9.15 -20.70
C LEU A 194 -34.77 -8.27 -21.73
N THR A 195 -36.06 -8.51 -21.92
CA THR A 195 -36.85 -7.71 -22.86
C THR A 195 -36.86 -6.24 -22.43
N PHE A 196 -36.97 -5.98 -21.12
CA PHE A 196 -36.94 -4.62 -20.61
C PHE A 196 -35.61 -3.95 -20.93
N LEU A 197 -34.52 -4.69 -20.78
CA LEU A 197 -33.20 -4.16 -21.09
C LEU A 197 -33.07 -3.80 -22.58
N VAL A 198 -33.52 -4.71 -23.41
CA VAL A 198 -33.45 -4.53 -24.86
C VAL A 198 -34.29 -3.34 -25.28
N ASP A 199 -35.46 -3.19 -24.66
CA ASP A 199 -36.32 -2.06 -24.94
C ASP A 199 -35.69 -0.73 -24.53
N LEU A 200 -34.99 -0.68 -23.41
CA LEU A 200 -34.27 0.53 -23.04
C LEU A 200 -33.31 0.93 -24.15
N ILE A 201 -32.67 -0.06 -24.77
CA ILE A 201 -31.71 0.16 -25.84
C ILE A 201 -32.42 0.58 -27.14
N LYS A 202 -33.42 -0.17 -27.54
CA LYS A 202 -34.25 0.22 -28.71
C LYS A 202 -34.82 1.64 -28.59
N ASN A 203 -35.24 2.02 -27.39
CA ASN A 203 -35.76 3.36 -27.15
C ASN A 203 -34.71 4.44 -26.88
N LYS A 204 -33.43 4.09 -27.10
CA LYS A 204 -32.28 5.01 -26.99
C LYS A 204 -32.05 5.55 -25.59
N HIS A 205 -32.47 4.80 -24.56
CA HIS A 205 -32.17 5.22 -23.19
C HIS A 205 -30.82 4.64 -22.75
N MET A 206 -30.35 3.60 -23.42
CA MET A 206 -29.00 3.07 -23.23
C MET A 206 -28.42 2.64 -24.59
N ASN A 207 -27.11 2.39 -24.61
CA ASN A 207 -26.38 1.99 -25.84
C ASN A 207 -25.81 0.57 -25.58
N ALA A 208 -26.11 -0.36 -26.48
CA ALA A 208 -25.65 -1.76 -26.36
C ALA A 208 -24.13 -1.92 -26.16
N ASP A 209 -23.35 -0.97 -26.69
CA ASP A 209 -21.90 -1.03 -26.58
C ASP A 209 -21.31 -0.58 -25.26
N THR A 210 -22.11 0.00 -24.38
CA THR A 210 -21.60 0.52 -23.12
C THR A 210 -20.91 -0.60 -22.31
N ASP A 211 -19.72 -0.30 -21.84
CA ASP A 211 -18.95 -1.23 -21.01
C ASP A 211 -18.54 -0.58 -19.66
N TYR A 212 -17.70 -1.25 -18.90
CA TYR A 212 -17.37 -0.77 -17.56
C TYR A 212 -16.72 0.63 -17.67
N SER A 213 -15.72 0.78 -18.54
CA SER A 213 -15.02 2.07 -18.68
C SER A 213 -15.90 3.20 -19.10
N ILE A 214 -16.75 2.95 -20.10
CA ILE A 214 -17.61 3.99 -20.68
C ILE A 214 -18.62 4.47 -19.61
N ALA A 215 -19.24 3.52 -18.94
CA ALA A 215 -20.22 3.83 -17.88
C ALA A 215 -19.60 4.57 -16.72
N GLU A 216 -18.45 4.09 -16.28
CA GLU A 216 -17.72 4.74 -15.19
C GLU A 216 -17.37 6.18 -15.53
N ALA A 217 -16.82 6.43 -16.74
CA ALA A 217 -16.43 7.77 -17.14
C ALA A 217 -17.65 8.69 -17.20
N ALA A 218 -18.75 8.18 -17.74
CA ALA A 218 -19.95 9.01 -17.89
C ALA A 218 -20.52 9.38 -16.52
N PHE A 219 -20.59 8.42 -15.60
CA PHE A 219 -21.08 8.75 -14.26
C PHE A 219 -20.13 9.72 -13.53
N ASN A 220 -18.84 9.44 -13.60
CA ASN A 220 -17.85 10.20 -12.82
C ASN A 220 -17.61 11.60 -13.41
N LYS A 221 -18.03 11.85 -14.65
CA LYS A 221 -18.02 13.19 -15.22
C LYS A 221 -19.37 13.94 -15.10
N GLY A 222 -20.37 13.31 -14.48
CA GLY A 222 -21.66 13.95 -14.30
C GLY A 222 -22.58 13.99 -15.51
N GLU A 223 -22.39 13.06 -16.44
CA GLU A 223 -23.17 13.03 -17.68
C GLU A 223 -24.42 12.17 -17.56
N THR A 224 -24.37 11.18 -16.69
CA THR A 224 -25.49 10.27 -16.49
C THR A 224 -25.82 10.31 -15.00
N ALA A 225 -27.10 10.18 -14.69
CA ALA A 225 -27.58 10.33 -13.32
C ALA A 225 -27.38 9.09 -12.45
N MET A 226 -27.24 7.92 -13.07
CA MET A 226 -27.14 6.65 -12.33
C MET A 226 -26.20 5.68 -13.02
N THR A 227 -25.64 4.79 -12.21
CA THR A 227 -24.92 3.64 -12.68
C THR A 227 -25.18 2.49 -11.71
N ILE A 228 -24.75 1.30 -12.10
CA ILE A 228 -24.86 0.11 -11.31
C ILE A 228 -23.45 -0.44 -11.19
N ASN A 229 -22.97 -0.61 -9.95
CA ASN A 229 -21.63 -1.08 -9.75
C ASN A 229 -21.44 -1.57 -8.35
N GLY A 230 -20.27 -2.17 -8.11
CA GLY A 230 -19.98 -2.69 -6.79
C GLY A 230 -19.03 -1.72 -6.05
N PRO A 231 -18.71 -2.05 -4.79
CA PRO A 231 -18.00 -1.11 -3.90
C PRO A 231 -16.57 -0.76 -4.35
N TRP A 232 -15.96 -1.65 -5.11
CA TRP A 232 -14.65 -1.41 -5.69
C TRP A 232 -14.61 -0.14 -6.55
N ALA A 233 -15.78 0.27 -7.09
CA ALA A 233 -15.90 1.45 -7.92
C ALA A 233 -15.93 2.74 -7.13
N TRP A 234 -16.21 2.65 -5.82
CA TRP A 234 -16.46 3.87 -5.07
C TRP A 234 -15.28 4.81 -5.03
N SER A 235 -14.05 4.28 -5.01
CA SER A 235 -12.83 5.17 -4.91
C SER A 235 -12.78 6.19 -6.05
N ASN A 236 -12.99 5.71 -7.27
CA ASN A 236 -12.96 6.61 -8.40
C ASN A 236 -14.07 7.65 -8.36
N ILE A 237 -15.25 7.26 -7.85
CA ILE A 237 -16.34 8.22 -7.71
C ILE A 237 -16.00 9.28 -6.64
N ASP A 238 -15.37 8.84 -5.57
CA ASP A 238 -14.89 9.82 -4.56
C ASP A 238 -13.95 10.87 -5.19
N THR A 239 -13.04 10.42 -6.02
CA THR A 239 -12.07 11.31 -6.70
C THR A 239 -12.76 12.35 -7.58
N SER A 240 -13.85 11.95 -8.22
CA SER A 240 -14.59 12.81 -9.15
C SER A 240 -15.36 13.93 -8.47
N LYS A 241 -15.58 13.80 -7.14
CA LYS A 241 -16.37 14.76 -6.36
C LYS A 241 -17.86 14.85 -6.79
N VAL A 242 -18.37 13.87 -7.54
CA VAL A 242 -19.80 13.79 -7.76
C VAL A 242 -20.42 13.57 -6.39
N ASN A 243 -21.53 14.21 -6.12
CA ASN A 243 -22.23 14.05 -4.83
C ASN A 243 -23.13 12.82 -5.02
N TYR A 244 -22.64 11.65 -4.62
CA TYR A 244 -23.35 10.42 -4.92
C TYR A 244 -23.93 9.71 -3.72
N GLY A 245 -24.97 8.92 -3.98
CA GLY A 245 -25.48 7.94 -3.03
C GLY A 245 -25.42 6.54 -3.56
N VAL A 246 -25.54 5.57 -2.64
CA VAL A 246 -25.56 4.15 -2.95
C VAL A 246 -26.85 3.60 -2.32
N THR A 247 -27.68 2.94 -3.11
CA THR A 247 -29.02 2.63 -2.66
C THR A 247 -29.51 1.31 -3.25
N VAL A 248 -30.67 0.89 -2.80
CA VAL A 248 -31.31 -0.30 -3.26
C VAL A 248 -31.48 -0.22 -4.79
N LEU A 249 -31.26 -1.34 -5.44
CA LEU A 249 -31.52 -1.47 -6.87
C LEU A 249 -33.02 -1.26 -7.15
N PRO A 250 -33.35 -0.76 -8.37
CA PRO A 250 -34.79 -0.58 -8.64
C PRO A 250 -35.51 -1.92 -8.70
N THR A 251 -36.82 -1.92 -8.47
CA THR A 251 -37.61 -3.12 -8.61
C THR A 251 -38.06 -3.30 -10.07
N PHE A 252 -38.46 -4.52 -10.40
CA PHE A 252 -39.01 -4.78 -11.73
C PHE A 252 -40.27 -5.60 -11.54
N LYS A 253 -41.39 -5.15 -12.05
CA LYS A 253 -42.70 -5.80 -11.79
C LYS A 253 -42.94 -5.92 -10.27
N GLY A 254 -42.51 -4.90 -9.54
CA GLY A 254 -42.68 -4.89 -8.10
C GLY A 254 -41.72 -5.78 -7.33
N GLN A 255 -40.82 -6.50 -8.00
CA GLN A 255 -39.94 -7.44 -7.36
C GLN A 255 -38.54 -6.85 -7.27
N PRO A 256 -37.84 -7.05 -6.16
CA PRO A 256 -36.46 -6.54 -6.08
C PRO A 256 -35.56 -7.07 -7.21
N SER A 257 -34.70 -6.21 -7.76
CA SER A 257 -33.57 -6.70 -8.52
C SER A 257 -32.75 -7.65 -7.64
N LYS A 258 -32.30 -8.74 -8.21
CA LYS A 258 -31.77 -9.86 -7.46
C LYS A 258 -30.39 -10.14 -7.91
N PRO A 259 -29.42 -9.36 -7.44
CA PRO A 259 -28.06 -9.58 -7.88
C PRO A 259 -27.53 -10.97 -7.47
N PHE A 260 -26.66 -11.53 -8.30
CA PHE A 260 -25.93 -12.71 -7.89
C PHE A 260 -24.79 -12.21 -7.03
N VAL A 261 -24.78 -12.68 -5.78
CA VAL A 261 -23.86 -12.21 -4.77
C VAL A 261 -22.63 -13.12 -4.77
N GLY A 262 -21.46 -12.49 -4.83
CA GLY A 262 -20.23 -13.16 -4.82
C GLY A 262 -19.58 -12.99 -3.47
N VAL A 263 -18.94 -14.04 -2.98
CA VAL A 263 -18.12 -13.95 -1.74
C VAL A 263 -16.68 -13.97 -2.28
N LEU A 264 -16.03 -12.83 -2.29
CA LEU A 264 -14.63 -12.71 -2.72
C LEU A 264 -13.85 -13.58 -1.74
N SER A 265 -13.12 -14.56 -2.27
CA SER A 265 -12.49 -15.62 -1.47
C SER A 265 -11.08 -15.86 -1.89
N ALA A 266 -10.27 -16.38 -0.98
CA ALA A 266 -8.87 -16.70 -1.21
C ALA A 266 -8.64 -18.18 -1.10
N GLY A 267 -8.34 -18.81 -2.24
CA GLY A 267 -7.99 -20.24 -2.33
C GLY A 267 -6.52 -20.49 -2.36
N ILE A 268 -6.14 -21.65 -1.84
CA ILE A 268 -4.74 -22.07 -1.82
C ILE A 268 -4.53 -23.12 -2.91
N ASN A 269 -3.56 -22.88 -3.77
CA ASN A 269 -3.25 -23.80 -4.87
C ASN A 269 -2.80 -25.12 -4.30
N ALA A 270 -3.39 -26.22 -4.77
CA ALA A 270 -3.03 -27.56 -4.26
C ALA A 270 -1.57 -27.88 -4.51
N ALA A 271 -1.04 -27.28 -5.59
CA ALA A 271 0.36 -27.44 -5.95
C ALA A 271 1.35 -26.56 -5.16
N SER A 272 0.89 -25.66 -4.32
CA SER A 272 1.81 -24.83 -3.57
C SER A 272 2.68 -25.60 -2.58
N PRO A 273 4.00 -25.34 -2.56
CA PRO A 273 4.83 -25.84 -1.49
C PRO A 273 4.81 -24.96 -0.22
N ASN A 274 3.89 -24.00 -0.16
CA ASN A 274 3.85 -22.95 0.88
C ASN A 274 2.48 -22.92 1.55
N LYS A 275 1.84 -24.08 1.63
CA LYS A 275 0.45 -24.11 2.13
C LYS A 275 0.34 -23.57 3.56
N GLU A 276 1.30 -23.91 4.41
CA GLU A 276 1.27 -23.45 5.80
C GLU A 276 1.52 -21.96 5.90
N LEU A 277 2.44 -21.42 5.09
CA LEU A 277 2.62 -19.98 5.06
C LEU A 277 1.36 -19.27 4.57
N ALA A 278 0.72 -19.82 3.55
CA ALA A 278 -0.48 -19.21 3.00
C ALA A 278 -1.59 -19.14 4.06
N LYS A 279 -1.75 -20.23 4.82
CA LYS A 279 -2.72 -20.27 5.94
C LYS A 279 -2.40 -19.21 6.98
N GLU A 280 -1.13 -19.09 7.34
CA GLU A 280 -0.73 -18.12 8.35
C GLU A 280 -1.05 -16.70 7.89
N PHE A 281 -0.68 -16.42 6.65
CA PHE A 281 -0.92 -15.10 6.04
C PHE A 281 -2.42 -14.77 6.03
N LEU A 282 -3.22 -15.69 5.51
CA LEU A 282 -4.63 -15.40 5.36
C LEU A 282 -5.36 -15.28 6.71
N GLU A 283 -5.09 -16.20 7.64
CA GLU A 283 -5.82 -16.22 8.92
C GLU A 283 -5.34 -15.10 9.84
N ASN A 284 -4.02 -14.92 9.94
CA ASN A 284 -3.46 -14.10 10.98
C ASN A 284 -3.01 -12.72 10.54
N TYR A 285 -2.93 -12.46 9.24
CA TYR A 285 -2.61 -11.10 8.72
C TYR A 285 -3.76 -10.50 7.95
N LEU A 286 -4.26 -11.20 6.92
CA LEU A 286 -5.35 -10.63 6.12
C LEU A 286 -6.71 -10.57 6.83
N LEU A 287 -7.14 -11.69 7.38
CA LEU A 287 -8.45 -11.77 8.04
C LEU A 287 -8.42 -11.26 9.48
N THR A 288 -8.01 -10.00 9.61
CA THR A 288 -8.03 -9.25 10.85
C THR A 288 -8.57 -7.89 10.49
N ASP A 289 -9.00 -7.14 11.49
CA ASP A 289 -9.49 -5.80 11.19
C ASP A 289 -8.40 -4.93 10.52
N GLU A 290 -7.17 -5.04 11.00
CA GLU A 290 -6.05 -4.29 10.46
C GLU A 290 -5.73 -4.69 9.01
N GLY A 291 -5.84 -5.99 8.72
CA GLY A 291 -5.53 -6.50 7.37
C GLY A 291 -6.57 -6.05 6.35
N LEU A 292 -7.84 -6.27 6.68
CA LEU A 292 -8.89 -5.87 5.77
C LEU A 292 -8.90 -4.34 5.62
N GLU A 293 -8.62 -3.62 6.69
CA GLU A 293 -8.58 -2.16 6.60
C GLU A 293 -7.51 -1.72 5.59
N ALA A 294 -6.34 -2.34 5.63
CA ALA A 294 -5.26 -2.01 4.68
C ALA A 294 -5.70 -2.22 3.22
N VAL A 295 -6.44 -3.31 2.96
CA VAL A 295 -6.95 -3.52 1.62
C VAL A 295 -7.99 -2.48 1.29
N ASN A 296 -8.93 -2.28 2.21
CA ASN A 296 -10.04 -1.35 2.02
C ASN A 296 -9.61 0.09 1.69
N LYS A 297 -8.54 0.52 2.32
CA LYS A 297 -7.98 1.86 2.09
C LYS A 297 -7.47 2.08 0.65
N ASP A 298 -7.15 0.99 -0.04
CA ASP A 298 -6.76 0.99 -1.45
C ASP A 298 -7.96 1.04 -2.33
N LYS A 299 -8.77 -0.02 -2.36
CA LYS A 299 -10.09 -0.02 -3.01
C LYS A 299 -11.07 -0.62 -2.02
N PRO A 300 -12.24 0.00 -1.85
CA PRO A 300 -13.19 -0.59 -0.91
C PRO A 300 -13.58 -2.01 -1.25
N LEU A 301 -13.57 -2.86 -0.21
CA LEU A 301 -14.04 -4.21 -0.34
C LEU A 301 -15.57 -4.26 -0.38
N GLY A 302 -16.21 -3.22 0.16
CA GLY A 302 -17.63 -3.21 0.45
C GLY A 302 -17.90 -3.92 1.80
N ALA A 303 -18.93 -4.78 1.83
CA ALA A 303 -19.25 -5.55 3.03
C ALA A 303 -18.24 -6.66 3.12
N VAL A 304 -17.88 -7.08 4.33
CA VAL A 304 -16.84 -8.09 4.50
C VAL A 304 -17.38 -9.30 5.28
N ALA A 305 -16.63 -10.41 5.24
CA ALA A 305 -17.03 -11.64 5.86
C ALA A 305 -16.67 -11.67 7.35
N LEU A 306 -15.70 -10.87 7.73
CA LEU A 306 -15.16 -10.86 9.09
C LEU A 306 -16.09 -10.00 9.98
N LYS A 307 -16.73 -10.62 10.96
CA LYS A 307 -17.81 -9.92 11.72
C LYS A 307 -17.33 -8.64 12.37
N SER A 308 -16.20 -8.69 13.07
CA SER A 308 -15.70 -7.53 13.78
C SER A 308 -15.57 -6.30 12.88
N TYR A 309 -15.03 -6.48 11.67
CA TYR A 309 -14.81 -5.34 10.78
C TYR A 309 -16.10 -4.96 10.05
N GLU A 310 -16.93 -5.92 9.68
CA GLU A 310 -18.23 -5.61 9.07
C GLU A 310 -19.10 -4.73 9.98
N GLU A 311 -19.08 -5.00 11.27
CA GLU A 311 -19.85 -4.21 12.24
C GLU A 311 -19.42 -2.74 12.30
N GLU A 312 -18.16 -2.51 12.01
CA GLU A 312 -17.61 -1.18 11.89
C GLU A 312 -17.99 -0.58 10.51
N LEU A 313 -17.82 -1.34 9.44
CA LEU A 313 -18.12 -0.85 8.12
C LEU A 313 -19.60 -0.51 7.97
N ALA A 314 -20.47 -1.27 8.58
CA ALA A 314 -21.93 -1.12 8.39
C ALA A 314 -22.49 0.16 9.03
N LYS A 315 -21.69 0.89 9.78
CA LYS A 315 -22.01 2.31 10.10
C LYS A 315 -22.11 3.22 8.88
N ASP A 316 -21.46 2.85 7.79
CA ASP A 316 -21.53 3.56 6.52
C ASP A 316 -22.80 3.13 5.76
N PRO A 317 -23.71 4.09 5.46
CA PRO A 317 -24.90 3.75 4.69
C PRO A 317 -24.65 3.07 3.37
N ARG A 318 -23.50 3.31 2.74
CA ARG A 318 -23.17 2.65 1.47
C ARG A 318 -23.00 1.11 1.67
N ILE A 319 -22.44 0.76 2.82
CA ILE A 319 -22.28 -0.62 3.16
C ILE A 319 -23.59 -1.28 3.54
N ALA A 320 -24.42 -0.58 4.33
CA ALA A 320 -25.74 -1.07 4.64
C ALA A 320 -26.54 -1.33 3.32
N ALA A 321 -26.41 -0.44 2.36
CA ALA A 321 -27.06 -0.63 1.05
C ALA A 321 -26.53 -1.86 0.32
N THR A 322 -25.22 -2.07 0.36
CA THR A 322 -24.61 -3.21 -0.27
C THR A 322 -25.20 -4.49 0.34
N MET A 323 -25.29 -4.50 1.68
CA MET A 323 -25.90 -5.67 2.35
C MET A 323 -27.40 -5.81 2.05
N GLU A 324 -28.13 -4.72 1.88
CA GLU A 324 -29.54 -4.81 1.55
C GLU A 324 -29.70 -5.45 0.17
N ASN A 325 -28.93 -4.96 -0.79
CA ASN A 325 -28.97 -5.58 -2.11
C ASN A 325 -28.51 -7.06 -2.08
N ALA A 326 -27.51 -7.40 -1.27
CA ALA A 326 -27.08 -8.78 -1.11
C ALA A 326 -28.18 -9.65 -0.56
N GLN A 327 -28.90 -9.17 0.49
CA GLN A 327 -29.97 -9.96 1.07
C GLN A 327 -31.21 -10.10 0.19
N LYS A 328 -31.38 -9.19 -0.78
CA LYS A 328 -32.44 -9.26 -1.78
C LYS A 328 -32.02 -10.08 -3.01
N GLY A 329 -30.74 -10.42 -3.09
CA GLY A 329 -30.19 -11.22 -4.17
C GLY A 329 -30.12 -12.69 -3.80
N GLU A 330 -29.22 -13.39 -4.45
CA GLU A 330 -29.02 -14.83 -4.21
C GLU A 330 -27.50 -15.06 -4.18
N ILE A 331 -27.02 -15.81 -3.19
CA ILE A 331 -25.60 -16.21 -3.16
C ILE A 331 -25.38 -17.09 -4.38
N MET A 332 -24.33 -16.87 -5.14
CA MET A 332 -24.13 -17.71 -6.30
C MET A 332 -23.91 -19.16 -5.90
N PRO A 333 -24.41 -20.12 -6.69
CA PRO A 333 -23.89 -21.47 -6.57
C PRO A 333 -22.39 -21.49 -6.76
N ASN A 334 -21.72 -22.54 -6.26
CA ASN A 334 -20.23 -22.67 -6.49
C ASN A 334 -19.90 -23.82 -7.37
N ILE A 335 -20.89 -24.44 -7.97
CA ILE A 335 -20.68 -25.64 -8.73
C ILE A 335 -19.85 -25.37 -10.01
N PRO A 336 -19.15 -26.42 -10.52
CA PRO A 336 -18.28 -26.20 -11.71
C PRO A 336 -19.00 -25.57 -12.91
N GLN A 337 -20.28 -25.87 -13.07
CA GLN A 337 -21.06 -25.37 -14.20
C GLN A 337 -21.40 -23.86 -14.14
N MET A 338 -21.05 -23.16 -13.06
CA MET A 338 -21.27 -21.73 -13.03
C MET A 338 -20.52 -21.00 -14.13
N SER A 339 -19.30 -21.41 -14.46
CA SER A 339 -18.60 -20.70 -15.50
C SER A 339 -19.34 -20.88 -16.85
N ALA A 340 -19.88 -22.07 -17.07
CA ALA A 340 -20.66 -22.37 -18.27
C ALA A 340 -21.88 -21.48 -18.34
N PHE A 341 -22.61 -21.39 -17.24
CA PHE A 341 -23.74 -20.49 -17.11
C PHE A 341 -23.35 -19.06 -17.51
N TRP A 342 -22.29 -18.55 -16.93
CA TRP A 342 -21.90 -17.19 -17.21
C TRP A 342 -21.52 -16.94 -18.66
N TYR A 343 -20.82 -17.88 -19.27
CA TYR A 343 -20.48 -17.72 -20.66
C TYR A 343 -21.70 -17.68 -21.59
N ALA A 344 -22.67 -18.51 -21.25
CA ALA A 344 -23.93 -18.59 -22.02
C ALA A 344 -24.73 -17.30 -21.86
N VAL A 345 -24.87 -16.83 -20.63
CA VAL A 345 -25.64 -15.61 -20.38
C VAL A 345 -24.94 -14.40 -21.00
N ARG A 346 -23.60 -14.40 -20.98
CA ARG A 346 -22.87 -13.30 -21.60
C ARG A 346 -23.26 -13.12 -23.04
N THR A 347 -23.19 -14.22 -23.77
CA THR A 347 -23.58 -14.24 -25.19
C THR A 347 -25.04 -13.85 -25.40
N ALA A 348 -25.93 -14.39 -24.59
CA ALA A 348 -27.34 -14.11 -24.77
C ALA A 348 -27.61 -12.62 -24.60
N VAL A 349 -27.03 -12.01 -23.55
CA VAL A 349 -27.28 -10.62 -23.31
C VAL A 349 -26.67 -9.74 -24.40
N ILE A 350 -25.43 -10.01 -24.82
CA ILE A 350 -24.83 -9.19 -25.85
C ILE A 350 -25.63 -9.34 -27.15
N ASN A 351 -26.08 -10.55 -27.43
CA ASN A 351 -26.74 -10.80 -28.70
C ASN A 351 -28.10 -10.11 -28.72
N ALA A 352 -28.84 -10.21 -27.63
CA ALA A 352 -30.17 -9.57 -27.54
C ALA A 352 -30.07 -8.05 -27.54
N ALA A 353 -29.13 -7.53 -26.76
CA ALA A 353 -28.92 -6.08 -26.66
C ALA A 353 -28.55 -5.45 -27.96
N SER A 354 -27.73 -6.14 -28.73
CA SER A 354 -27.21 -5.64 -30.01
C SER A 354 -28.18 -5.86 -31.18
N GLY A 355 -29.21 -6.70 -31.00
CA GLY A 355 -30.08 -7.11 -32.07
C GLY A 355 -29.54 -8.19 -32.97
N ARG A 356 -28.44 -8.84 -32.58
CA ARG A 356 -27.98 -10.04 -33.29
C ARG A 356 -28.93 -11.23 -33.17
N GLN A 357 -29.70 -11.29 -32.12
CA GLN A 357 -30.75 -12.28 -31.96
C GLN A 357 -31.93 -11.64 -31.26
N THR A 358 -33.11 -12.18 -31.48
CA THR A 358 -34.25 -11.79 -30.63
C THR A 358 -34.03 -12.28 -29.22
N VAL A 359 -34.78 -11.73 -28.27
CA VAL A 359 -34.75 -12.22 -26.92
C VAL A 359 -35.06 -13.71 -26.86
N ASP A 360 -36.10 -14.15 -27.57
CA ASP A 360 -36.46 -15.58 -27.53
C ASP A 360 -35.31 -16.46 -28.07
N GLU A 361 -34.74 -16.07 -29.21
CA GLU A 361 -33.64 -16.84 -29.84
C GLU A 361 -32.41 -16.87 -28.88
N ALA A 362 -32.08 -15.71 -28.32
CA ALA A 362 -30.89 -15.59 -27.46
C ALA A 362 -31.03 -16.49 -26.23
N LEU A 363 -32.21 -16.49 -25.60
CA LEU A 363 -32.40 -17.32 -24.39
C LEU A 363 -32.50 -18.80 -24.71
N LYS A 364 -33.01 -19.13 -25.87
CA LYS A 364 -33.01 -20.49 -26.31
C LYS A 364 -31.56 -21.02 -26.49
N ASP A 365 -30.71 -20.24 -27.17
CA ASP A 365 -29.32 -20.68 -27.39
C ASP A 365 -28.52 -20.73 -26.07
N ALA A 366 -28.92 -20.00 -25.04
CA ALA A 366 -28.21 -20.06 -23.74
C ALA A 366 -28.15 -21.50 -23.17
N GLN A 367 -29.18 -22.31 -23.44
CA GLN A 367 -29.24 -23.69 -22.96
C GLN A 367 -28.13 -24.53 -23.61
N THR A 368 -28.05 -24.44 -24.93
CA THR A 368 -27.03 -25.21 -25.66
C THR A 368 -25.63 -24.60 -25.61
N ASN A 369 -25.55 -23.29 -25.53
CA ASN A 369 -24.24 -22.63 -25.31
C ASN A 369 -23.69 -22.94 -23.94
N ALA A 370 -24.55 -23.06 -22.91
CA ALA A 370 -24.06 -23.51 -21.59
C ALA A 370 -23.56 -24.95 -21.66
N ALA A 371 -24.35 -25.85 -22.26
CA ALA A 371 -23.98 -27.23 -22.32
C ALA A 371 -22.66 -27.45 -23.15
N ALA A 372 -22.49 -26.58 -24.14
CA ALA A 372 -21.30 -26.60 -25.02
C ALA A 372 -20.02 -26.40 -24.21
N GLU A 373 -20.13 -25.73 -23.08
CA GLU A 373 -18.99 -25.42 -22.22
C GLU A 373 -18.57 -26.56 -21.32
N PHE A 374 -19.46 -27.53 -21.12
CA PHE A 374 -19.21 -28.61 -20.16
C PHE A 374 -17.93 -29.45 -20.33
N PRO A 375 -17.60 -29.89 -21.55
CA PRO A 375 -16.35 -30.69 -21.65
C PRO A 375 -15.08 -29.93 -21.29
N PHE A 376 -15.09 -28.62 -21.45
CA PHE A 376 -13.94 -27.79 -21.12
C PHE A 376 -13.68 -27.65 -19.64
N LEU A 377 -14.65 -28.06 -18.82
CA LEU A 377 -14.40 -28.17 -17.39
C LEU A 377 -13.50 -29.35 -17.03
N TYR A 378 -13.24 -30.26 -17.95
CA TYR A 378 -12.31 -31.37 -17.70
C TYR A 378 -10.86 -30.86 -17.84
N VAL A 379 -10.35 -30.37 -16.74
CA VAL A 379 -9.00 -29.94 -16.59
C VAL A 379 -8.41 -30.82 -15.47
N VAL A 380 -7.31 -31.48 -15.79
CA VAL A 380 -6.65 -32.36 -14.87
C VAL A 380 -5.18 -32.13 -14.83
N GLY A 381 -4.59 -32.47 -13.69
CA GLY A 381 -3.15 -32.31 -13.53
C GLY A 381 -2.52 -33.56 -12.89
N ARG A 382 -1.29 -33.86 -13.29
CA ARG A 382 -0.67 -35.16 -12.94
C ARG A 382 0.07 -35.17 -11.62
N LYS A 383 0.26 -33.98 -11.03
CA LYS A 383 1.14 -33.85 -9.88
C LYS A 383 0.72 -34.73 -8.71
N LYS A 384 -0.57 -34.76 -8.36
CA LYS A 384 -1.00 -35.53 -7.20
C LYS A 384 -0.75 -37.03 -7.37
N MET A 385 -1.07 -37.53 -8.55
CA MET A 385 -0.80 -38.91 -8.91
C MET A 385 0.67 -39.22 -8.80
N MET A 386 1.54 -38.38 -9.36
CA MET A 386 2.94 -38.63 -9.30
C MET A 386 3.53 -38.55 -7.89
N ASP A 387 3.05 -37.62 -7.07
CA ASP A 387 3.49 -37.55 -5.66
C ASP A 387 3.09 -38.81 -4.92
N ALA A 388 1.88 -39.30 -5.18
CA ALA A 388 1.38 -40.49 -4.57
C ALA A 388 2.17 -41.71 -5.06
N GLN A 389 2.53 -41.73 -6.34
CA GLN A 389 3.39 -42.82 -6.83
C GLN A 389 4.73 -42.88 -6.12
N TYR A 390 5.41 -41.77 -6.04
CA TYR A 390 6.71 -41.71 -5.41
C TYR A 390 6.63 -42.16 -3.94
N LYS A 391 5.62 -41.64 -3.22
CA LYS A 391 5.37 -42.01 -1.81
C LYS A 391 5.15 -43.50 -1.66
N CYS A 392 4.34 -44.06 -2.56
CA CYS A 392 4.07 -45.47 -2.55
C CYS A 392 5.33 -46.35 -2.68
N TYR A 393 6.10 -46.13 -3.75
CA TYR A 393 7.29 -46.91 -3.97
C TYR A 393 8.32 -46.75 -2.84
N ASP A 394 8.44 -45.54 -2.25
CA ASP A 394 9.27 -45.37 -1.05
C ASP A 394 8.79 -46.19 0.14
N ARG A 395 7.49 -46.12 0.38
CA ARG A 395 6.88 -46.80 1.56
C ARG A 395 6.99 -48.32 1.42
N MET A 396 6.86 -48.81 0.18
CA MET A 396 7.09 -50.24 -0.11
C MET A 396 8.51 -50.73 0.18
N GLN A 397 9.51 -49.86 0.11
CA GLN A 397 10.88 -50.16 0.58
C GLN A 397 11.07 -50.18 2.09
N GLN A 398 10.40 -49.25 2.78
CA GLN A 398 10.73 -48.96 4.17
C GLN A 398 9.91 -49.76 5.17
N LEU A 399 8.72 -50.19 4.79
CA LEU A 399 7.83 -50.91 5.70
C LEU A 399 8.40 -52.31 5.96
N PRO A 400 8.44 -52.76 7.22
CA PRO A 400 8.95 -54.12 7.45
C PRO A 400 8.10 -55.20 6.75
N ALA A 401 8.71 -56.36 6.51
CA ALA A 401 8.03 -57.48 5.87
C ALA A 401 6.81 -57.90 6.70
N TYR A 402 5.85 -58.51 6.04
CA TYR A 402 4.56 -58.86 6.62
C TYR A 402 4.73 -59.83 7.78
N GLN A 403 4.10 -59.54 8.93
CA GLN A 403 4.22 -60.36 10.15
C GLN A 403 2.92 -61.11 10.53
N GLY A 404 1.94 -61.09 9.64
CA GLY A 404 0.76 -61.93 9.80
C GLY A 404 1.05 -63.36 9.41
N GLU A 405 0.02 -64.17 9.56
CA GLU A 405 0.08 -65.63 9.36
C GLU A 405 -0.80 -66.10 8.19
N GLY A 406 -0.20 -66.41 7.04
CA GLY A 406 -0.92 -67.08 5.96
C GLY A 406 -0.59 -66.48 4.60
N PRO A 407 -1.30 -66.92 3.55
CA PRO A 407 -1.11 -66.32 2.22
C PRO A 407 -1.71 -64.92 2.14
N TYR A 408 -1.01 -64.02 1.48
CA TYR A 408 -1.40 -62.61 1.39
C TYR A 408 -0.94 -62.01 0.06
N CYS A 409 -1.62 -60.95 -0.37
CA CYS A 409 -1.18 -60.15 -1.51
C CYS A 409 -0.14 -59.07 -1.15
N ASN A 410 0.88 -58.95 -2.01
CA ASN A 410 1.96 -58.00 -1.78
C ASN A 410 1.53 -56.55 -2.01
N ARG A 411 2.14 -55.68 -1.19
CA ARG A 411 2.15 -54.22 -1.33
C ARG A 411 2.33 -53.89 -2.81
N THR A 412 1.56 -52.93 -3.34
CA THR A 412 1.70 -52.59 -4.77
C THR A 412 1.15 -51.19 -5.09
N TRP A 413 1.73 -50.57 -6.13
CA TRP A 413 1.20 -49.33 -6.74
C TRP A 413 0.44 -49.78 -7.98
N ASP A 414 -0.85 -49.50 -8.04
CA ASP A 414 -1.66 -49.96 -9.17
C ASP A 414 -1.71 -48.99 -10.35
N GLY A 415 -1.02 -47.86 -10.25
CA GLY A 415 -1.08 -46.79 -11.28
C GLY A 415 -1.73 -45.50 -10.81
N TRP A 416 -2.76 -45.63 -9.97
CA TRP A 416 -3.45 -44.49 -9.35
C TRP A 416 -3.36 -44.47 -7.81
N LEU A 417 -3.27 -45.63 -7.15
CA LEU A 417 -3.28 -45.70 -5.68
C LEU A 417 -2.38 -46.79 -5.11
N CYS A 418 -1.98 -46.59 -3.87
CA CYS A 418 -1.08 -47.46 -3.16
C CYS A 418 -1.86 -48.44 -2.31
N TRP A 419 -1.37 -49.68 -2.25
CA TRP A 419 -1.97 -50.72 -1.44
C TRP A 419 -0.89 -51.43 -0.60
N ASP A 420 -1.31 -51.74 0.62
CA ASP A 420 -0.55 -52.53 1.53
C ASP A 420 -0.78 -54.01 1.29
N ASP A 421 0.15 -54.81 1.82
CA ASP A 421 -0.07 -56.24 2.01
C ASP A 421 -1.45 -56.51 2.59
N THR A 422 -2.19 -57.42 1.97
CA THR A 422 -3.57 -57.68 2.34
C THR A 422 -3.82 -59.17 2.49
N PRO A 423 -4.49 -59.57 3.58
CA PRO A 423 -4.78 -60.99 3.77
C PRO A 423 -5.60 -61.63 2.63
N ALA A 424 -5.40 -62.92 2.40
CA ALA A 424 -6.20 -63.63 1.37
C ALA A 424 -7.72 -63.55 1.62
N GLY A 425 -8.47 -63.36 0.53
CA GLY A 425 -9.93 -63.33 0.61
C GLY A 425 -10.50 -61.95 0.96
N VAL A 426 -9.67 -60.99 1.32
CA VAL A 426 -10.16 -59.65 1.73
C VAL A 426 -10.37 -58.71 0.55
N LEU A 427 -11.52 -58.02 0.58
CA LEU A 427 -11.80 -56.91 -0.30
C LEU A 427 -11.30 -55.63 0.41
N SER A 428 -10.14 -55.14 -0.03
CA SER A 428 -9.53 -53.92 0.53
C SER A 428 -10.21 -52.70 -0.07
N TYR A 429 -10.14 -51.56 0.61
CA TYR A 429 -10.79 -50.38 0.06
C TYR A 429 -10.11 -49.12 0.51
N GLN A 430 -10.33 -48.05 -0.26
CA GLN A 430 -9.92 -46.72 0.15
C GLN A 430 -10.71 -45.67 -0.64
N PHE A 431 -10.55 -44.40 -0.29
CA PHE A 431 -11.28 -43.38 -1.03
C PHE A 431 -10.78 -43.23 -2.45
N CYS A 432 -11.72 -42.88 -3.33
CA CYS A 432 -11.40 -42.54 -4.72
C CYS A 432 -10.47 -41.35 -4.77
N PRO A 433 -9.56 -41.37 -5.74
CA PRO A 433 -8.62 -40.29 -5.86
C PRO A 433 -9.31 -39.09 -6.53
N ASP A 434 -8.79 -37.89 -6.28
CA ASP A 434 -9.37 -36.67 -6.82
C ASP A 434 -8.68 -36.21 -8.13
N TYR A 435 -8.14 -37.15 -8.89
CA TYR A 435 -7.36 -36.82 -10.08
C TYR A 435 -8.22 -36.33 -11.24
N PHE A 436 -9.45 -36.81 -11.31
CA PHE A 436 -10.31 -36.58 -12.48
C PHE A 436 -11.59 -35.98 -11.99
N PRO A 437 -12.08 -34.93 -12.67
CA PRO A 437 -13.23 -34.24 -12.08
C PRO A 437 -14.56 -34.99 -12.11
N ASP A 438 -14.70 -36.01 -12.96
CA ASP A 438 -15.86 -36.89 -12.90
C ASP A 438 -15.82 -37.90 -11.77
N PHE A 439 -14.73 -37.95 -11.01
CA PHE A 439 -14.64 -38.78 -9.81
C PHE A 439 -15.18 -38.09 -8.57
N ASP A 440 -15.89 -38.87 -7.75
CA ASP A 440 -16.35 -38.43 -6.43
C ASP A 440 -15.39 -38.98 -5.38
N PRO A 441 -14.60 -38.11 -4.73
CA PRO A 441 -13.62 -38.63 -3.73
C PRO A 441 -14.22 -39.16 -2.43
N SER A 442 -15.53 -38.98 -2.21
CA SER A 442 -16.19 -39.63 -1.11
C SER A 442 -16.62 -41.07 -1.43
N GLU A 443 -16.59 -41.48 -2.71
CA GLU A 443 -16.83 -42.89 -3.05
C GLU A 443 -15.56 -43.70 -2.85
N LYS A 444 -15.69 -45.02 -2.96
CA LYS A 444 -14.61 -45.94 -2.61
C LYS A 444 -14.11 -46.73 -3.81
N VAL A 445 -12.82 -47.04 -3.73
CA VAL A 445 -12.14 -47.94 -4.65
C VAL A 445 -11.98 -49.24 -3.91
N THR A 446 -12.19 -50.37 -4.60
CA THR A 446 -11.94 -51.68 -3.96
C THR A 446 -10.87 -52.46 -4.71
N LYS A 447 -10.12 -53.28 -3.97
CA LYS A 447 -9.16 -54.20 -4.57
C LYS A 447 -9.25 -55.56 -3.84
N TYR A 448 -9.60 -56.60 -4.60
CA TYR A 448 -9.83 -57.95 -4.02
C TYR A 448 -8.53 -58.78 -4.00
N CYS A 449 -8.07 -59.14 -2.78
CA CYS A 449 -7.02 -60.15 -2.63
C CYS A 449 -7.70 -61.52 -2.66
N ASP A 450 -7.50 -62.29 -3.73
CA ASP A 450 -8.15 -63.63 -3.81
C ASP A 450 -7.66 -64.64 -2.75
N GLU A 451 -8.27 -65.80 -2.77
CA GLU A 451 -7.95 -66.93 -1.87
C GLU A 451 -6.46 -67.35 -1.67
N LYS A 452 -5.54 -67.01 -2.60
CA LYS A 452 -4.13 -67.51 -2.59
C LYS A 452 -2.96 -66.50 -2.31
N GLY A 453 -3.26 -65.33 -1.74
CA GLY A 453 -2.37 -64.19 -1.74
C GLY A 453 -2.03 -63.60 -3.11
N VAL A 454 -2.96 -63.70 -4.06
CA VAL A 454 -2.85 -63.09 -5.40
C VAL A 454 -3.93 -62.00 -5.62
N TRP A 455 -3.54 -60.80 -6.00
CA TRP A 455 -4.51 -59.74 -6.31
C TRP A 455 -5.37 -60.11 -7.54
N PHE A 456 -6.64 -59.72 -7.47
CA PHE A 456 -7.62 -59.91 -8.53
C PHE A 456 -7.13 -59.38 -9.89
N LYS A 457 -7.34 -60.19 -10.92
CA LYS A 457 -7.08 -59.77 -12.29
C LYS A 457 -8.40 -59.58 -13.03
N HIS A 458 -8.48 -58.53 -13.84
CA HIS A 458 -9.69 -58.32 -14.64
C HIS A 458 -9.78 -59.45 -15.68
N PRO A 459 -10.95 -60.09 -15.79
CA PRO A 459 -11.01 -61.21 -16.72
C PRO A 459 -10.86 -60.84 -18.21
N GLU A 460 -11.18 -59.62 -18.58
CA GLU A 460 -11.08 -59.22 -20.00
C GLU A 460 -9.66 -59.20 -20.56
N ASN A 461 -8.66 -58.93 -19.72
CA ASN A 461 -7.25 -58.99 -20.14
C ASN A 461 -6.31 -59.72 -19.19
N ASN A 462 -6.85 -60.33 -18.14
CA ASN A 462 -6.06 -61.06 -17.14
C ASN A 462 -4.90 -60.21 -16.55
N ARG A 463 -5.14 -58.89 -16.36
CA ARG A 463 -4.19 -58.03 -15.69
C ARG A 463 -4.77 -57.55 -14.37
N THR A 464 -3.88 -57.42 -13.39
CA THR A 464 -4.16 -56.97 -12.05
C THR A 464 -4.90 -55.66 -12.14
N TRP A 465 -6.03 -55.59 -11.43
CA TRP A 465 -6.97 -54.52 -11.63
C TRP A 465 -7.65 -54.15 -10.30
N SER A 466 -7.49 -52.86 -9.93
CA SER A 466 -8.23 -52.29 -8.81
C SER A 466 -9.54 -51.78 -9.42
N ASN A 467 -10.62 -51.78 -8.61
CA ASN A 467 -11.97 -51.42 -9.05
C ASN A 467 -12.30 -49.96 -8.69
N TYR A 468 -12.16 -49.07 -9.69
CA TYR A 468 -12.51 -47.63 -9.56
C TYR A 468 -13.93 -47.26 -10.03
N THR A 469 -14.77 -48.28 -10.35
CA THR A 469 -16.05 -48.03 -11.02
C THR A 469 -17.05 -47.21 -10.20
N MET A 470 -17.03 -47.29 -8.87
CA MET A 470 -17.94 -46.49 -8.05
CA MET A 470 -17.94 -46.50 -8.04
C MET A 470 -17.53 -45.00 -8.03
N CYS A 471 -16.28 -44.71 -8.40
CA CYS A 471 -15.82 -43.34 -8.37
C CYS A 471 -16.60 -42.44 -9.32
N ASN A 472 -17.01 -42.95 -10.49
CA ASN A 472 -17.76 -42.14 -11.44
C ASN A 472 -19.02 -42.82 -12.01
N ALA A 473 -19.57 -43.79 -11.29
CA ALA A 473 -20.87 -44.42 -11.66
C ALA A 473 -22.05 -43.43 -11.55
N PHE A 474 -23.02 -43.50 -12.48
CA PHE A 474 -24.10 -42.48 -12.66
C PHE A 474 -23.52 -41.14 -13.13
N MET B 1 10.18 2.37 -6.27
CA MET B 1 10.62 2.05 -7.66
C MET B 1 10.06 2.94 -8.79
N ALA B 2 9.04 3.78 -8.52
CA ALA B 2 8.54 4.74 -9.54
C ALA B 2 9.59 5.81 -9.86
N LYS B 3 9.78 6.12 -11.15
CA LYS B 3 10.87 7.03 -11.60
C LYS B 3 10.42 8.48 -11.88
N ILE B 4 11.34 9.42 -11.57
CA ILE B 4 11.17 10.85 -11.89
C ILE B 4 11.14 11.03 -13.42
N GLU B 5 10.23 11.87 -13.86
CA GLU B 5 9.78 11.89 -15.23
C GLU B 5 8.95 13.16 -15.30
N GLU B 6 9.16 13.94 -16.33
CA GLU B 6 8.40 15.17 -16.53
C GLU B 6 6.91 14.82 -16.75
N GLY B 7 6.01 15.57 -16.11
CA GLY B 7 4.57 15.38 -16.32
C GLY B 7 3.93 14.31 -15.42
N LYS B 8 4.63 13.94 -14.34
CA LYS B 8 4.06 13.14 -13.28
C LYS B 8 4.72 13.56 -11.96
N LEU B 9 4.13 13.21 -10.82
CA LEU B 9 4.72 13.47 -9.51
C LEU B 9 4.95 12.15 -8.78
N VAL B 10 6.14 12.02 -8.20
CA VAL B 10 6.48 10.95 -7.29
C VAL B 10 6.71 11.57 -5.91
N ILE B 11 6.04 10.99 -4.92
CA ILE B 11 6.08 11.48 -3.56
C ILE B 11 6.57 10.41 -2.61
N TRP B 12 7.52 10.75 -1.76
CA TRP B 12 7.94 9.90 -0.68
C TRP B 12 7.42 10.37 0.65
N ILE B 13 6.92 9.44 1.47
CA ILE B 13 6.48 9.73 2.82
C ILE B 13 6.71 8.50 3.69
N ASN B 14 6.90 8.70 4.98
CA ASN B 14 7.23 7.58 5.85
C ASN B 14 6.01 6.67 5.99
N GLY B 15 6.29 5.37 6.15
CA GLY B 15 5.28 4.32 6.14
C GLY B 15 4.36 4.32 7.36
N ASP B 16 4.64 5.15 8.36
CA ASP B 16 3.72 5.31 9.49
C ASP B 16 2.69 6.43 9.28
N LYS B 17 2.78 7.19 8.17
CA LYS B 17 1.85 8.29 7.88
C LYS B 17 0.76 7.83 6.89
N GLY B 18 -0.20 8.70 6.66
CA GLY B 18 -1.35 8.39 5.89
C GLY B 18 -1.12 8.39 4.39
N TYR B 19 -0.32 7.46 3.90
CA TYR B 19 0.04 7.46 2.49
C TYR B 19 -1.14 7.08 1.58
N ASN B 20 -2.12 6.33 2.07
CA ASN B 20 -3.30 6.02 1.26
C ASN B 20 -4.16 7.29 1.08
N GLY B 21 -4.34 8.04 2.17
CA GLY B 21 -5.05 9.30 2.10
C GLY B 21 -4.32 10.29 1.18
N LEU B 22 -2.99 10.34 1.26
CA LEU B 22 -2.25 11.23 0.39
C LEU B 22 -2.44 10.82 -1.07
N ALA B 23 -2.45 9.53 -1.33
CA ALA B 23 -2.67 9.05 -2.69
C ALA B 23 -4.06 9.47 -3.21
N GLU B 24 -5.07 9.51 -2.33
CA GLU B 24 -6.40 10.01 -2.72
C GLU B 24 -6.32 11.47 -3.18
N VAL B 25 -5.54 12.27 -2.48
CA VAL B 25 -5.36 13.66 -2.84
C VAL B 25 -4.69 13.71 -4.23
N GLY B 26 -3.73 12.81 -4.45
CA GLY B 26 -3.07 12.64 -5.73
C GLY B 26 -4.05 12.34 -6.86
N LYS B 27 -5.04 11.49 -6.59
CA LYS B 27 -6.03 11.14 -7.62
C LYS B 27 -6.89 12.35 -7.99
N LYS B 28 -7.24 13.16 -6.97
CA LYS B 28 -7.98 14.40 -7.24
C LYS B 28 -7.15 15.33 -8.13
N PHE B 29 -5.86 15.45 -7.82
CA PHE B 29 -4.96 16.25 -8.63
C PHE B 29 -4.89 15.73 -10.07
N GLU B 30 -4.76 14.42 -10.21
CA GLU B 30 -4.71 13.82 -11.55
C GLU B 30 -6.00 14.05 -12.34
N LYS B 31 -7.14 13.89 -11.68
CA LYS B 31 -8.44 14.17 -12.30
C LYS B 31 -8.49 15.58 -12.86
N ASP B 32 -8.01 16.60 -12.13
CA ASP B 32 -8.04 17.98 -12.61
C ASP B 32 -6.98 18.33 -13.64
N THR B 33 -5.79 17.76 -13.55
CA THR B 33 -4.64 18.21 -14.31
C THR B 33 -4.13 17.22 -15.34
N GLY B 34 -4.58 15.97 -15.24
CA GLY B 34 -4.02 14.87 -16.02
C GLY B 34 -2.68 14.36 -15.50
N ILE B 35 -2.19 14.91 -14.40
CA ILE B 35 -0.86 14.56 -13.94
C ILE B 35 -0.99 13.44 -12.91
N LYS B 36 -0.46 12.26 -13.22
CA LYS B 36 -0.41 11.15 -12.25
C LYS B 36 0.50 11.44 -11.05
N VAL B 37 0.02 11.08 -9.87
CA VAL B 37 0.75 11.21 -8.64
C VAL B 37 0.89 9.82 -8.03
N THR B 38 2.14 9.41 -7.81
CA THR B 38 2.45 8.13 -7.19
C THR B 38 3.06 8.36 -5.84
N VAL B 39 2.48 7.76 -4.80
CA VAL B 39 2.99 7.90 -3.44
C VAL B 39 3.69 6.62 -3.04
N GLU B 40 4.93 6.74 -2.55
CA GLU B 40 5.73 5.62 -2.06
C GLU B 40 6.20 5.85 -0.66
N HIS B 41 6.52 4.77 0.06
CA HIS B 41 7.02 4.86 1.43
C HIS B 41 8.24 3.96 1.65
N PRO B 42 9.34 4.29 0.96
CA PRO B 42 10.52 3.44 1.08
C PRO B 42 11.11 3.48 2.48
N ASP B 43 11.81 2.43 2.83
CA ASP B 43 12.49 2.35 4.13
C ASP B 43 13.68 3.31 4.10
N LYS B 44 13.93 3.93 5.24
CA LYS B 44 15.05 4.85 5.44
C LYS B 44 15.05 5.96 4.38
N LEU B 45 13.86 6.45 4.03
CA LEU B 45 13.76 7.39 2.92
C LEU B 45 14.54 8.69 3.23
N GLU B 46 14.61 9.05 4.49
CA GLU B 46 15.32 10.27 4.93
C GLU B 46 16.83 10.13 4.78
N GLU B 47 17.34 8.90 4.81
CA GLU B 47 18.75 8.62 4.52
C GLU B 47 18.98 8.47 3.07
N LYS B 48 18.04 7.87 2.32
CA LYS B 48 18.24 7.67 0.90
C LYS B 48 18.13 8.99 0.07
N PHE B 49 17.25 9.89 0.49
CA PHE B 49 16.88 11.01 -0.36
C PHE B 49 18.09 11.86 -0.85
N PRO B 50 19.03 12.23 0.04
CA PRO B 50 20.06 13.16 -0.44
C PRO B 50 20.94 12.54 -1.52
N GLN B 51 21.31 11.27 -1.31
CA GLN B 51 22.14 10.58 -2.29
CA GLN B 51 22.17 10.59 -2.27
C GLN B 51 21.46 10.41 -3.64
N VAL B 52 20.19 10.02 -3.65
CA VAL B 52 19.52 9.87 -4.97
C VAL B 52 19.18 11.21 -5.62
N ALA B 53 18.75 12.20 -4.81
CA ALA B 53 18.41 13.53 -5.35
C ALA B 53 19.55 14.26 -6.02
N ALA B 54 20.74 14.10 -5.46
CA ALA B 54 21.86 15.00 -5.83
C ALA B 54 22.26 14.83 -7.33
N THR B 55 22.09 13.60 -7.78
CA THR B 55 22.36 13.17 -9.12
C THR B 55 21.10 13.05 -9.99
N GLY B 56 20.01 13.71 -9.61
CA GLY B 56 18.87 13.84 -10.49
C GLY B 56 17.84 12.74 -10.45
N ASP B 57 17.97 11.78 -9.53
CA ASP B 57 16.89 10.82 -9.29
C ASP B 57 16.09 11.25 -8.03
N GLY B 58 15.34 10.32 -7.46
CA GLY B 58 14.60 10.61 -6.24
C GLY B 58 13.20 11.09 -6.55
N PRO B 59 12.43 11.40 -5.52
CA PRO B 59 11.06 11.81 -5.71
C PRO B 59 10.99 13.30 -6.07
N ASP B 60 9.86 13.75 -6.60
CA ASP B 60 9.61 15.18 -6.76
C ASP B 60 9.38 15.84 -5.41
N ILE B 61 8.69 15.15 -4.49
CA ILE B 61 8.34 15.71 -3.19
C ILE B 61 8.76 14.72 -2.11
N ILE B 62 9.37 15.22 -1.03
CA ILE B 62 9.74 14.37 0.12
C ILE B 62 9.08 14.92 1.37
N PHE B 63 8.42 14.04 2.14
CA PHE B 63 7.88 14.36 3.42
C PHE B 63 8.73 13.77 4.54
N TRP B 64 9.03 14.58 5.53
CA TRP B 64 9.72 14.16 6.79
C TRP B 64 9.55 15.30 7.78
N ALA B 65 9.79 15.02 9.07
CA ALA B 65 9.93 16.08 10.01
C ALA B 65 11.00 17.08 9.55
N HIS B 66 10.82 18.32 9.94
CA HIS B 66 11.67 19.43 9.46
C HIS B 66 13.15 19.35 9.86
N ASP B 67 13.48 18.53 10.86
CA ASP B 67 14.85 18.42 11.37
C ASP B 67 15.85 17.96 10.31
N ARG B 68 15.39 17.15 9.35
CA ARG B 68 16.23 16.62 8.27
CA ARG B 68 16.30 16.63 8.33
C ARG B 68 16.49 17.63 7.15
N PHE B 69 15.66 18.68 7.08
CA PHE B 69 15.63 19.49 5.82
C PHE B 69 16.82 20.46 5.68
N GLY B 70 17.37 20.93 6.79
CA GLY B 70 18.54 21.77 6.69
C GLY B 70 19.73 21.09 6.05
N GLY B 71 19.97 19.84 6.40
CA GLY B 71 21.02 19.07 5.73
C GLY B 71 20.80 18.97 4.22
N TYR B 72 19.55 18.74 3.80
CA TYR B 72 19.24 18.66 2.37
C TYR B 72 19.45 20.03 1.68
N ALA B 73 18.96 21.08 2.32
CA ALA B 73 19.11 22.46 1.78
C ALA B 73 20.54 22.92 1.74
N GLN B 74 21.34 22.55 2.71
CA GLN B 74 22.72 22.95 2.73
C GLN B 74 23.45 22.34 1.53
N SER B 75 23.02 21.16 1.09
CA SER B 75 23.56 20.54 -0.15
C SER B 75 22.87 21.04 -1.45
N GLY B 76 22.00 22.03 -1.35
CA GLY B 76 21.26 22.63 -2.47
C GLY B 76 20.22 21.72 -3.10
N LEU B 77 19.70 20.79 -2.32
CA LEU B 77 18.88 19.73 -2.87
C LEU B 77 17.38 20.00 -2.83
N LEU B 78 16.96 21.12 -2.21
CA LEU B 78 15.56 21.48 -2.12
C LEU B 78 15.27 22.80 -2.86
N ALA B 79 14.16 22.83 -3.59
CA ALA B 79 13.67 24.03 -4.24
C ALA B 79 13.18 25.03 -3.20
N GLU B 80 13.44 26.32 -3.46
CA GLU B 80 12.90 27.38 -2.61
C GLU B 80 11.40 27.40 -2.75
N ILE B 81 10.72 27.57 -1.65
CA ILE B 81 9.28 27.67 -1.59
C ILE B 81 8.92 29.15 -1.51
N THR B 82 7.93 29.55 -2.31
CA THR B 82 7.63 30.95 -2.52
C THR B 82 6.13 31.24 -2.49
N PRO B 83 5.50 30.96 -1.36
CA PRO B 83 4.05 31.19 -1.27
C PRO B 83 3.77 32.68 -1.10
N ASP B 84 2.63 33.10 -1.65
CA ASP B 84 2.14 34.46 -1.47
C ASP B 84 1.68 34.64 -0.03
N LYS B 85 1.56 35.91 0.37
CA LYS B 85 1.19 36.22 1.76
C LYS B 85 -0.16 35.66 2.15
N ALA B 86 -1.14 35.66 1.25
CA ALA B 86 -2.44 35.11 1.56
C ALA B 86 -2.32 33.64 1.93
N PHE B 87 -1.49 32.89 1.20
CA PHE B 87 -1.23 31.51 1.51
C PHE B 87 -0.46 31.35 2.83
N GLN B 88 0.58 32.14 3.00
CA GLN B 88 1.34 32.09 4.27
C GLN B 88 0.49 32.32 5.49
N ASP B 89 -0.47 33.26 5.36
CA ASP B 89 -1.38 33.61 6.45
C ASP B 89 -2.29 32.44 6.83
N LYS B 90 -2.43 31.44 5.96
CA LYS B 90 -3.27 30.30 6.31
C LYS B 90 -2.61 29.31 7.25
N LEU B 91 -1.30 29.43 7.47
CA LEU B 91 -0.58 28.52 8.33
C LEU B 91 0.02 29.26 9.55
N TYR B 92 0.23 28.57 10.65
CA TYR B 92 0.74 29.25 11.84
C TYR B 92 2.19 29.70 11.58
N PRO B 93 2.52 30.96 11.96
CA PRO B 93 3.90 31.43 11.70
C PRO B 93 5.02 30.55 12.25
N PHE B 94 4.82 29.93 13.43
CA PHE B 94 5.91 29.07 13.95
C PHE B 94 6.17 27.86 13.06
N THR B 95 5.18 27.42 12.29
CA THR B 95 5.40 26.28 11.38
C THR B 95 6.26 26.70 10.18
N TRP B 96 6.06 27.92 9.66
CA TRP B 96 6.91 28.45 8.63
C TRP B 96 8.35 28.58 9.15
N ASP B 97 8.51 29.00 10.38
CA ASP B 97 9.86 29.20 10.90
C ASP B 97 10.65 27.86 10.96
N ALA B 98 9.94 26.78 11.22
CA ALA B 98 10.57 25.43 11.27
C ALA B 98 11.17 25.02 9.91
N VAL B 99 10.60 25.55 8.84
CA VAL B 99 11.05 25.25 7.46
C VAL B 99 11.82 26.43 6.79
N ARG B 100 12.30 27.37 7.60
CA ARG B 100 13.13 28.47 7.12
CA ARG B 100 13.12 28.48 7.15
C ARG B 100 14.59 28.11 7.39
N TYR B 101 15.42 28.19 6.37
CA TYR B 101 16.82 27.79 6.50
C TYR B 101 17.67 28.75 5.69
N ASN B 102 18.68 29.37 6.33
CA ASN B 102 19.52 30.37 5.68
CA ASN B 102 19.52 30.43 5.74
C ASN B 102 18.68 31.46 4.97
N GLY B 103 17.56 31.85 5.55
CA GLY B 103 16.73 32.91 5.00
C GLY B 103 15.65 32.47 4.00
N LYS B 104 15.67 31.20 3.55
CA LYS B 104 14.73 30.76 2.55
C LYS B 104 13.74 29.80 3.19
N LEU B 105 12.51 29.78 2.70
CA LEU B 105 11.60 28.69 2.99
C LEU B 105 12.02 27.51 2.12
N ILE B 106 12.21 26.35 2.72
CA ILE B 106 12.70 25.14 2.00
C ILE B 106 11.71 23.97 2.01
N ALA B 107 10.49 24.20 2.53
CA ALA B 107 9.45 23.18 2.55
C ALA B 107 8.13 23.83 2.95
N TYR B 108 7.04 23.09 2.72
CA TYR B 108 5.72 23.44 3.24
C TYR B 108 5.48 22.68 4.55
N PRO B 109 5.14 23.41 5.62
CA PRO B 109 4.75 22.72 6.84
C PRO B 109 3.38 22.10 6.67
N ILE B 110 3.24 20.91 7.25
CA ILE B 110 2.01 20.16 7.19
C ILE B 110 1.44 19.96 8.61
N ALA B 111 2.22 19.41 9.53
CA ALA B 111 1.62 19.11 10.85
C ALA B 111 2.64 19.16 11.96
N VAL B 112 2.17 19.40 13.18
CA VAL B 112 3.02 19.55 14.34
C VAL B 112 2.88 18.26 15.14
N GLU B 113 4.01 17.57 15.25
CA GLU B 113 4.08 16.26 15.86
C GLU B 113 4.75 16.34 17.23
N ALA B 114 4.05 15.93 18.26
CA ALA B 114 4.65 15.75 19.60
C ALA B 114 4.17 14.43 20.12
N LEU B 115 5.07 13.71 20.81
CA LEU B 115 4.70 12.51 21.50
C LEU B 115 3.83 12.82 22.72
N SER B 116 2.91 11.91 23.03
CA SER B 116 2.06 12.01 24.23
C SER B 116 2.08 10.67 24.95
N LEU B 117 1.56 10.69 26.18
CA LEU B 117 1.36 9.44 26.91
C LEU B 117 0.00 8.91 26.51
N ILE B 118 -0.02 7.64 26.10
CA ILE B 118 -1.26 6.99 25.67
C ILE B 118 -1.53 5.88 26.68
N TYR B 119 -2.73 5.80 27.23
CA TYR B 119 -2.99 4.84 28.29
C TYR B 119 -4.32 4.14 28.12
N ASN B 120 -4.37 2.92 28.65
CA ASN B 120 -5.56 2.07 28.59
C ASN B 120 -6.43 2.39 29.82
N LYS B 121 -7.58 3.03 29.59
CA LYS B 121 -8.44 3.46 30.72
C LYS B 121 -9.01 2.32 31.56
N ASP B 122 -9.16 1.15 30.95
CA ASP B 122 -9.63 -0.03 31.67
C ASP B 122 -8.58 -0.61 32.61
N LEU B 123 -7.32 -0.58 32.22
CA LEU B 123 -6.26 -1.04 33.10
C LEU B 123 -5.80 0.03 34.07
N LEU B 124 -5.99 1.29 33.70
CA LEU B 124 -5.34 2.39 34.40
C LEU B 124 -6.21 3.63 34.26
N PRO B 125 -7.26 3.74 35.07
CA PRO B 125 -8.16 4.89 34.92
C PRO B 125 -7.50 6.24 35.23
N ASN B 126 -6.53 6.25 36.14
CA ASN B 126 -5.79 7.45 36.53
C ASN B 126 -4.30 7.27 36.19
N PRO B 127 -3.89 7.77 35.01
CA PRO B 127 -2.48 7.61 34.60
C PRO B 127 -1.54 8.37 35.53
N PRO B 128 -0.29 7.86 35.68
CA PRO B 128 0.67 8.48 36.58
C PRO B 128 1.09 9.86 36.09
N LYS B 129 1.18 10.79 37.01
CA LYS B 129 1.69 12.14 36.70
C LYS B 129 3.22 12.22 36.59
N THR B 130 3.92 11.25 37.16
CA THR B 130 5.38 11.29 37.25
C THR B 130 5.99 10.00 36.74
N TRP B 131 7.18 10.10 36.14
CA TRP B 131 7.99 8.92 35.81
C TRP B 131 8.35 8.10 37.05
N GLU B 132 8.58 8.80 38.17
CA GLU B 132 9.01 8.14 39.41
C GLU B 132 8.01 7.13 39.97
N GLU B 133 6.73 7.32 39.68
CA GLU B 133 5.69 6.38 40.08
C GLU B 133 5.62 5.09 39.26
N ILE B 134 6.27 5.07 38.09
CA ILE B 134 6.02 4.00 37.12
C ILE B 134 6.53 2.61 37.58
N PRO B 135 7.73 2.52 38.17
CA PRO B 135 8.19 1.21 38.69
C PRO B 135 7.18 0.53 39.61
N ALA B 136 6.64 1.25 40.61
CA ALA B 136 5.63 0.67 41.50
C ALA B 136 4.33 0.28 40.79
N LEU B 137 3.94 1.08 39.82
CA LEU B 137 2.75 0.76 39.02
C LEU B 137 2.98 -0.52 38.21
N ASP B 138 4.17 -0.66 37.63
CA ASP B 138 4.52 -1.89 36.96
C ASP B 138 4.47 -3.14 37.85
N LYS B 139 5.03 -3.02 39.06
CA LYS B 139 4.95 -4.11 40.02
C LYS B 139 3.50 -4.51 40.31
N GLU B 140 2.64 -3.51 40.51
CA GLU B 140 1.23 -3.77 40.73
C GLU B 140 0.60 -4.51 39.55
N LEU B 141 0.90 -4.03 38.35
CA LEU B 141 0.34 -4.62 37.11
C LEU B 141 0.88 -6.00 36.76
N LYS B 142 2.15 -6.26 37.06
CA LYS B 142 2.73 -7.60 36.82
C LYS B 142 2.02 -8.67 37.63
N ALA B 143 1.56 -8.33 38.84
CA ALA B 143 0.79 -9.27 39.64
C ALA B 143 -0.51 -9.64 38.94
N LYS B 144 -1.05 -8.75 38.10
CA LYS B 144 -2.23 -9.04 37.29
C LYS B 144 -1.91 -9.54 35.85
N GLY B 145 -0.68 -9.92 35.56
CA GLY B 145 -0.30 -10.41 34.25
C GLY B 145 -0.14 -9.33 33.19
N LYS B 146 0.13 -8.09 33.61
CA LYS B 146 0.25 -6.96 32.71
C LYS B 146 1.58 -6.24 32.98
N SER B 147 1.83 -5.18 32.21
CA SER B 147 2.90 -4.25 32.51
C SER B 147 2.38 -2.85 32.43
N ALA B 148 3.16 -1.93 32.99
CA ALA B 148 2.80 -0.51 33.02
C ALA B 148 3.02 0.18 31.68
N LEU B 149 4.19 -0.03 31.09
CA LEU B 149 4.66 0.83 30.02
C LEU B 149 5.53 0.10 29.00
N MET B 150 5.17 0.22 27.72
CA MET B 150 6.05 -0.22 26.63
C MET B 150 6.07 0.81 25.54
N PHE B 151 7.28 1.20 25.16
CA PHE B 151 7.46 2.11 24.04
C PHE B 151 8.75 1.80 23.32
N ASN B 152 8.91 2.38 22.14
CA ASN B 152 10.03 2.06 21.26
C ASN B 152 11.34 2.56 21.91
N LEU B 153 12.26 1.64 22.22
CA LEU B 153 13.55 2.00 22.81
C LEU B 153 14.69 1.99 21.80
N GLN B 154 14.38 1.69 20.53
CA GLN B 154 15.42 1.62 19.49
C GLN B 154 15.65 2.95 18.80
N GLU B 155 14.63 3.82 18.77
CA GLU B 155 14.75 5.12 18.13
C GLU B 155 14.80 6.18 19.21
N PRO B 156 15.84 7.05 19.19
CA PRO B 156 16.02 8.00 20.31
C PRO B 156 14.96 9.07 20.41
N TYR B 157 14.19 9.27 19.32
CA TYR B 157 13.03 10.19 19.37
C TYR B 157 12.14 9.91 20.57
N PHE B 158 11.96 8.63 20.89
CA PHE B 158 10.98 8.20 21.88
C PHE B 158 11.51 8.30 23.31
N THR B 159 12.82 8.13 23.49
CA THR B 159 13.44 8.24 24.80
C THR B 159 13.92 9.66 25.13
N TRP B 160 14.13 10.47 24.11
CA TRP B 160 14.54 11.85 24.28
C TRP B 160 13.69 12.69 25.27
N PRO B 161 12.35 12.56 25.29
CA PRO B 161 11.62 13.43 26.23
C PRO B 161 12.06 13.28 27.71
N LEU B 162 12.43 12.07 28.09
CA LEU B 162 12.88 11.79 29.45
C LEU B 162 14.32 12.30 29.65
N ILE B 163 15.17 12.13 28.65
CA ILE B 163 16.56 12.62 28.70
C ILE B 163 16.61 14.14 28.77
N ALA B 164 15.69 14.79 28.07
CA ALA B 164 15.64 16.25 28.02
C ALA B 164 14.98 16.85 29.26
N ALA B 165 14.11 16.10 29.94
CA ALA B 165 13.30 16.68 31.02
C ALA B 165 14.12 17.55 31.99
N ASP B 166 15.19 17.00 32.52
CA ASP B 166 15.98 17.71 33.52
C ASP B 166 17.30 18.29 32.99
N GLY B 167 17.49 18.36 31.66
CA GLY B 167 18.60 19.15 31.15
C GLY B 167 19.21 18.77 29.81
N GLY B 168 18.79 17.65 29.23
CA GLY B 168 19.25 17.27 27.91
C GLY B 168 18.86 18.25 26.83
N TYR B 169 19.80 18.50 25.89
CA TYR B 169 19.51 19.29 24.72
C TYR B 169 20.43 18.82 23.59
N ALA B 170 20.17 19.30 22.38
CA ALA B 170 21.01 18.91 21.25
C ALA B 170 22.22 19.82 21.18
N PHE B 171 22.01 21.07 20.78
CA PHE B 171 23.10 22.04 20.65
C PHE B 171 22.69 23.37 21.28
N LYS B 172 23.64 24.01 21.97
CA LYS B 172 23.48 25.38 22.53
C LYS B 172 23.14 26.36 21.41
N TYR B 173 22.15 27.24 21.64
CA TYR B 173 21.82 28.36 20.73
C TYR B 173 22.20 29.66 21.46
N GLU B 174 22.94 30.54 20.78
CA GLU B 174 23.57 31.69 21.42
C GLU B 174 24.04 32.67 20.33
N ASN B 175 23.75 33.96 20.50
CA ASN B 175 24.15 34.99 19.52
C ASN B 175 23.61 34.69 18.13
N GLY B 176 22.35 34.27 18.06
CA GLY B 176 21.68 34.00 16.80
C GLY B 176 22.04 32.70 16.06
N LYS B 177 22.93 31.87 16.64
CA LYS B 177 23.37 30.65 15.96
C LYS B 177 23.63 29.48 16.90
N TYR B 178 23.54 28.26 16.38
CA TYR B 178 23.87 27.07 17.15
C TYR B 178 25.37 26.89 17.27
N ASP B 179 25.81 26.41 18.42
CA ASP B 179 27.19 26.10 18.68
C ASP B 179 27.25 24.60 18.69
N ILE B 180 27.99 24.02 17.75
CA ILE B 180 27.96 22.59 17.60
C ILE B 180 29.16 21.92 18.25
N LYS B 181 29.94 22.66 19.05
CA LYS B 181 31.13 22.11 19.71
C LYS B 181 30.81 20.96 20.69
N ASP B 182 29.67 21.05 21.37
CA ASP B 182 29.22 20.03 22.34
C ASP B 182 27.77 19.62 22.09
N VAL B 183 27.50 18.33 22.23
CA VAL B 183 26.12 17.86 22.28
C VAL B 183 25.67 17.96 23.75
N GLY B 184 24.45 18.43 23.99
CA GLY B 184 23.98 18.69 25.37
C GLY B 184 23.50 17.48 26.15
N VAL B 185 24.26 16.41 26.12
CA VAL B 185 24.02 15.27 26.98
C VAL B 185 25.11 15.15 28.05
N ASP B 186 26.04 16.11 28.11
CA ASP B 186 27.16 16.12 29.08
C ASP B 186 26.80 16.85 30.37
N ASN B 187 25.59 16.63 30.86
CA ASN B 187 25.13 17.35 32.05
C ASN B 187 24.41 16.35 32.92
N ALA B 188 24.23 16.72 34.19
CA ALA B 188 23.65 15.85 35.18
C ALA B 188 22.21 15.46 34.83
N GLY B 189 21.48 16.39 34.19
CA GLY B 189 20.11 16.16 33.80
C GLY B 189 19.88 15.05 32.78
N ALA B 190 20.64 15.11 31.69
CA ALA B 190 20.64 14.06 30.69
C ALA B 190 21.05 12.73 31.30
N LYS B 191 22.08 12.77 32.15
CA LYS B 191 22.51 11.57 32.83
C LYS B 191 21.42 11.00 33.73
N ALA B 192 20.75 11.85 34.50
CA ALA B 192 19.69 11.38 35.38
C ALA B 192 18.55 10.74 34.56
N GLY B 193 18.18 11.36 33.47
CA GLY B 193 17.11 10.82 32.61
C GLY B 193 17.45 9.47 32.03
N LEU B 194 18.66 9.34 31.48
CA LEU B 194 19.02 8.08 30.85
C LEU B 194 19.18 7.01 31.90
N THR B 195 19.71 7.42 33.07
CA THR B 195 19.84 6.50 34.20
C THR B 195 18.49 5.95 34.62
N PHE B 196 17.47 6.80 34.65
CA PHE B 196 16.12 6.37 35.05
C PHE B 196 15.64 5.30 34.06
N LEU B 197 15.87 5.53 32.76
CA LEU B 197 15.47 4.54 31.75
C LEU B 197 16.18 3.20 31.93
N VAL B 198 17.48 3.27 32.15
CA VAL B 198 18.30 2.06 32.33
C VAL B 198 17.85 1.30 33.56
N ASP B 199 17.53 2.05 34.62
CA ASP B 199 17.03 1.42 35.84
C ASP B 199 15.69 0.71 35.62
N LEU B 200 14.79 1.31 34.84
CA LEU B 200 13.54 0.63 34.49
C LEU B 200 13.85 -0.73 33.86
N ILE B 201 14.87 -0.78 33.02
CA ILE B 201 15.27 -2.00 32.33
C ILE B 201 15.94 -2.99 33.28
N LYS B 202 16.94 -2.53 34.02
CA LYS B 202 17.59 -3.38 35.05
C LYS B 202 16.56 -3.99 36.03
N ASN B 203 15.56 -3.21 36.41
CA ASN B 203 14.52 -3.70 37.33
C ASN B 203 13.38 -4.46 36.66
N LYS B 204 13.55 -4.81 35.38
CA LYS B 204 12.60 -5.62 34.59
C LYS B 204 11.25 -4.97 34.38
N HIS B 205 11.20 -3.64 34.41
CA HIS B 205 9.96 -2.93 34.10
C HIS B 205 9.82 -2.67 32.60
N MET B 206 10.94 -2.68 31.90
CA MET B 206 10.97 -2.66 30.44
C MET B 206 12.07 -3.59 29.93
N ASN B 207 12.00 -3.87 28.62
CA ASN B 207 12.94 -4.76 27.95
C ASN B 207 13.73 -3.90 26.92
N ALA B 208 15.06 -3.96 26.99
CA ALA B 208 15.92 -3.17 26.09
C ALA B 208 15.67 -3.42 24.58
N ASP B 209 15.15 -4.60 24.24
CA ASP B 209 14.84 -4.94 22.84
C ASP B 209 13.56 -4.39 22.29
N THR B 210 12.70 -3.81 23.14
CA THR B 210 11.40 -3.32 22.67
C THR B 210 11.57 -2.27 21.56
N ASP B 211 10.84 -2.49 20.47
CA ASP B 211 10.82 -1.56 19.35
C ASP B 211 9.38 -1.07 19.03
N TYR B 212 9.23 -0.36 17.92
CA TYR B 212 7.93 0.24 17.59
C TYR B 212 6.86 -0.86 17.50
N SER B 213 7.14 -1.90 16.71
CA SER B 213 6.14 -2.97 16.52
C SER B 213 5.74 -3.69 17.78
N ILE B 214 6.74 -4.01 18.59
CA ILE B 214 6.50 -4.79 19.83
C ILE B 214 5.63 -3.96 20.81
N ALA B 215 5.99 -2.70 20.98
CA ALA B 215 5.24 -1.80 21.86
C ALA B 215 3.82 -1.55 21.38
N GLU B 216 3.69 -1.31 20.08
CA GLU B 216 2.38 -1.08 19.49
C GLU B 216 1.47 -2.31 19.67
N ALA B 217 1.99 -3.51 19.40
CA ALA B 217 1.20 -4.73 19.50
C ALA B 217 0.78 -4.96 20.96
N ALA B 218 1.70 -4.73 21.90
CA ALA B 218 1.42 -4.96 23.30
C ALA B 218 0.31 -4.02 23.78
N PHE B 219 0.40 -2.73 23.42
CA PHE B 219 -0.63 -1.80 23.83
C PHE B 219 -1.99 -2.13 23.18
N ASN B 220 -1.96 -2.41 21.87
CA ASN B 220 -3.21 -2.62 21.11
C ASN B 220 -3.87 -3.96 21.43
N LYS B 221 -3.13 -4.88 22.03
CA LYS B 221 -3.73 -6.13 22.55
C LYS B 221 -4.07 -6.09 24.04
N GLY B 222 -3.86 -4.95 24.71
CA GLY B 222 -4.24 -4.80 26.13
C GLY B 222 -3.31 -5.43 27.15
N GLU B 223 -2.04 -5.62 26.78
CA GLU B 223 -1.06 -6.28 27.63
C GLU B 223 -0.27 -5.27 28.48
N THR B 224 -0.14 -4.05 28.00
CA THR B 224 0.57 -3.00 28.71
C THR B 224 -0.40 -1.83 28.86
N ALA B 225 -0.28 -1.14 29.99
CA ALA B 225 -1.21 -0.08 30.34
C ALA B 225 -0.94 1.24 29.63
N MET B 226 0.28 1.46 29.18
CA MET B 226 0.70 2.71 28.58
C MET B 226 1.70 2.50 27.47
N THR B 227 1.69 3.45 26.56
CA THR B 227 2.73 3.60 25.56
C THR B 227 2.98 5.08 25.34
N ILE B 228 4.06 5.35 24.62
CA ILE B 228 4.44 6.68 24.22
C ILE B 228 4.49 6.66 22.71
N ASN B 229 3.69 7.50 22.08
CA ASN B 229 3.66 7.52 20.66
C ASN B 229 3.05 8.82 20.16
N GLY B 230 3.10 8.97 18.83
CA GLY B 230 2.55 10.17 18.24
C GLY B 230 1.18 9.91 17.62
N PRO B 231 0.57 10.95 17.05
CA PRO B 231 -0.85 10.85 16.60
C PRO B 231 -1.08 9.84 15.49
N TRP B 232 -0.04 9.61 14.68
CA TRP B 232 -0.13 8.59 13.60
C TRP B 232 -0.53 7.23 14.12
N ALA B 233 -0.22 6.94 15.41
CA ALA B 233 -0.48 5.66 16.02
C ALA B 233 -1.93 5.51 16.42
N TRP B 234 -2.68 6.60 16.52
CA TRP B 234 -4.04 6.52 17.04
C TRP B 234 -4.93 5.67 16.15
N SER B 235 -4.73 5.67 14.84
CA SER B 235 -5.60 4.85 13.92
C SER B 235 -5.60 3.37 14.27
N ASN B 236 -4.42 2.78 14.44
CA ASN B 236 -4.37 1.39 14.82
C ASN B 236 -4.95 1.14 16.21
N ILE B 237 -4.81 2.09 17.12
CA ILE B 237 -5.43 1.93 18.44
C ILE B 237 -6.97 1.98 18.32
N ASP B 238 -7.48 2.86 17.47
CA ASP B 238 -8.94 2.87 17.20
C ASP B 238 -9.45 1.51 16.71
N THR B 239 -8.70 0.91 15.78
CA THR B 239 -9.08 -0.40 15.22
C THR B 239 -9.12 -1.49 16.29
N SER B 240 -8.21 -1.41 17.25
CA SER B 240 -8.11 -2.41 18.32
C SER B 240 -9.24 -2.35 19.35
N LYS B 241 -9.98 -1.25 19.37
CA LYS B 241 -11.05 -0.98 20.34
C LYS B 241 -10.59 -0.88 21.81
N VAL B 242 -9.30 -0.74 22.08
CA VAL B 242 -8.83 -0.45 23.42
C VAL B 242 -9.46 0.89 23.84
N ASN B 243 -9.91 0.98 25.06
CA ASN B 243 -10.49 2.22 25.58
C ASN B 243 -9.33 3.10 26.05
N TYR B 244 -8.83 3.96 25.19
CA TYR B 244 -7.61 4.72 25.48
C TYR B 244 -7.81 6.21 25.67
N GLY B 245 -6.88 6.80 26.43
CA GLY B 245 -6.73 8.26 26.48
C GLY B 245 -5.36 8.71 26.04
N VAL B 246 -5.27 10.00 25.71
CA VAL B 246 -4.02 10.64 25.28
C VAL B 246 -3.83 11.82 26.25
N THR B 247 -2.68 11.87 26.91
CA THR B 247 -2.51 12.83 27.97
C THR B 247 -1.07 13.38 28.02
N VAL B 248 -0.88 14.36 28.89
CA VAL B 248 0.42 14.92 29.13
C VAL B 248 1.39 13.82 29.55
N LEU B 249 2.62 13.93 29.05
CA LEU B 249 3.68 13.04 29.43
C LEU B 249 3.99 13.19 30.95
N PRO B 250 4.51 12.12 31.57
CA PRO B 250 4.84 12.24 33.00
C PRO B 250 5.97 13.22 33.23
N THR B 251 6.01 13.83 34.44
CA THR B 251 7.14 14.68 34.79
C THR B 251 8.33 13.82 35.28
N PHE B 252 9.51 14.42 35.25
CA PHE B 252 10.70 13.75 35.78
C PHE B 252 11.43 14.78 36.63
N LYS B 253 11.70 14.48 37.88
CA LYS B 253 12.27 15.46 38.81
C LYS B 253 11.48 16.76 38.81
N GLY B 254 10.16 16.59 38.77
CA GLY B 254 9.27 17.72 38.79
C GLY B 254 9.17 18.54 37.53
N GLN B 255 9.88 18.13 36.47
CA GLN B 255 10.00 18.92 35.27
C GLN B 255 9.19 18.17 34.18
N PRO B 256 8.54 18.90 33.29
CA PRO B 256 7.85 18.23 32.17
C PRO B 256 8.79 17.39 31.31
N SER B 257 8.35 16.21 30.88
CA SER B 257 9.03 15.55 29.74
C SER B 257 8.99 16.52 28.55
N LYS B 258 10.12 16.57 27.83
CA LYS B 258 10.35 17.64 26.89
C LYS B 258 10.59 17.03 25.54
N PRO B 259 9.53 16.62 24.85
CA PRO B 259 9.75 16.00 23.55
C PRO B 259 10.38 16.94 22.55
N PHE B 260 11.20 16.40 21.65
CA PHE B 260 11.64 17.13 20.48
C PHE B 260 10.46 17.10 19.52
N VAL B 261 9.96 18.28 19.17
CA VAL B 261 8.77 18.44 18.35
C VAL B 261 9.19 18.53 16.89
N GLY B 262 8.55 17.72 16.04
CA GLY B 262 8.79 17.76 14.63
C GLY B 262 7.64 18.44 13.91
N VAL B 263 7.94 19.17 12.85
CA VAL B 263 6.91 19.72 11.95
C VAL B 263 7.04 18.85 10.69
N LEU B 264 6.10 17.93 10.49
CA LEU B 264 6.04 17.15 9.25
C LEU B 264 5.94 18.18 8.11
N SER B 265 6.86 18.07 7.16
CA SER B 265 7.00 19.05 6.08
C SER B 265 7.17 18.37 4.74
N ALA B 266 6.84 19.11 3.68
CA ALA B 266 6.93 18.59 2.31
C ALA B 266 7.89 19.47 1.54
N GLY B 267 9.05 18.90 1.19
CA GLY B 267 10.05 19.56 0.33
C GLY B 267 9.96 19.18 -1.10
N ILE B 268 10.37 20.11 -1.97
CA ILE B 268 10.41 19.87 -3.41
C ILE B 268 11.84 19.66 -3.85
N ASN B 269 12.10 18.55 -4.52
CA ASN B 269 13.45 18.20 -4.98
C ASN B 269 13.92 19.28 -5.97
N ALA B 270 15.11 19.81 -5.73
CA ALA B 270 15.66 20.87 -6.60
C ALA B 270 15.84 20.37 -8.02
N ALA B 271 16.06 19.07 -8.13
CA ALA B 271 16.23 18.42 -9.43
C ALA B 271 14.93 18.10 -10.16
N SER B 272 13.77 18.32 -9.55
CA SER B 272 12.52 17.91 -10.18
C SER B 272 12.25 18.78 -11.43
N PRO B 273 11.85 18.15 -12.54
CA PRO B 273 11.35 18.89 -13.67
C PRO B 273 9.87 19.31 -13.54
N ASN B 274 9.27 19.12 -12.35
CA ASN B 274 7.84 19.26 -12.11
C ASN B 274 7.60 20.22 -10.93
N LYS B 275 8.52 21.14 -10.73
CA LYS B 275 8.46 21.99 -9.53
C LYS B 275 7.14 22.77 -9.46
N GLU B 276 6.67 23.29 -10.61
CA GLU B 276 5.44 24.05 -10.63
C GLU B 276 4.21 23.19 -10.31
N LEU B 277 4.18 21.98 -10.85
CA LEU B 277 3.12 21.04 -10.51
C LEU B 277 3.17 20.68 -9.02
N ALA B 278 4.36 20.49 -8.49
CA ALA B 278 4.52 20.13 -7.07
C ALA B 278 3.97 21.24 -6.17
N LYS B 279 4.28 22.49 -6.51
CA LYS B 279 3.74 23.67 -5.78
C LYS B 279 2.23 23.71 -5.85
N GLU B 280 1.67 23.47 -7.03
CA GLU B 280 0.21 23.51 -7.21
C GLU B 280 -0.44 22.43 -6.34
N PHE B 281 0.12 21.24 -6.39
CA PHE B 281 -0.38 20.10 -5.60
C PHE B 281 -0.35 20.42 -4.09
N LEU B 282 0.78 20.88 -3.62
CA LEU B 282 0.93 21.08 -2.19
C LEU B 282 0.03 22.23 -1.72
N GLU B 283 0.02 23.38 -2.42
CA GLU B 283 -0.75 24.52 -1.97
C GLU B 283 -2.23 24.36 -2.16
N ASN B 284 -2.64 23.87 -3.32
CA ASN B 284 -4.03 23.95 -3.72
C ASN B 284 -4.82 22.66 -3.59
N TYR B 285 -4.14 21.54 -3.32
CA TYR B 285 -4.80 20.24 -3.08
C TYR B 285 -4.54 19.72 -1.70
N LEU B 286 -3.28 19.56 -1.31
CA LEU B 286 -2.97 19.01 0.03
C LEU B 286 -3.27 19.99 1.17
N LEU B 287 -2.75 21.20 1.08
CA LEU B 287 -2.90 22.16 2.19
C LEU B 287 -4.24 22.89 2.14
N THR B 288 -5.32 22.11 2.16
CA THR B 288 -6.70 22.57 2.23
C THR B 288 -7.39 21.73 3.25
N ASP B 289 -8.57 22.16 3.72
CA ASP B 289 -9.29 21.34 4.68
C ASP B 289 -9.56 19.92 4.14
N GLU B 290 -9.95 19.84 2.89
CA GLU B 290 -10.30 18.58 2.24
C GLU B 290 -9.07 17.69 2.06
N GLY B 291 -7.94 18.31 1.73
CA GLY B 291 -6.71 17.55 1.50
C GLY B 291 -6.15 16.95 2.80
N LEU B 292 -6.05 17.80 3.82
CA LEU B 292 -5.56 17.34 5.10
C LEU B 292 -6.51 16.36 5.71
N GLU B 293 -7.81 16.56 5.55
CA GLU B 293 -8.78 15.59 6.07
C GLU B 293 -8.56 14.23 5.46
N ALA B 294 -8.33 14.18 4.14
CA ALA B 294 -8.08 12.88 3.49
C ALA B 294 -6.88 12.15 4.12
N VAL B 295 -5.80 12.89 4.38
CA VAL B 295 -4.63 12.28 4.99
C VAL B 295 -4.92 11.89 6.43
N ASN B 296 -5.54 12.82 7.16
CA ASN B 296 -5.85 12.62 8.59
C ASN B 296 -6.74 11.42 8.84
N LYS B 297 -7.71 11.18 7.97
CA LYS B 297 -8.62 10.02 8.13
C LYS B 297 -7.92 8.68 7.99
N ASP B 298 -6.79 8.67 7.28
CA ASP B 298 -5.95 7.49 7.09
C ASP B 298 -5.09 7.33 8.33
N LYS B 299 -4.15 8.25 8.58
CA LYS B 299 -3.41 8.24 9.87
C LYS B 299 -3.41 9.67 10.39
N PRO B 300 -3.79 9.89 11.66
CA PRO B 300 -3.84 11.26 12.14
C PRO B 300 -2.54 12.01 12.06
N LEU B 301 -2.60 13.23 11.57
CA LEU B 301 -1.44 14.07 11.39
C LEU B 301 -1.00 14.70 12.73
N GLY B 302 -1.90 14.77 13.68
CA GLY B 302 -1.71 15.53 14.89
C GLY B 302 -2.29 16.93 14.71
N ALA B 303 -1.60 17.90 15.30
CA ALA B 303 -1.98 19.30 15.20
C ALA B 303 -1.49 19.76 13.85
N VAL B 304 -2.29 20.44 13.05
CA VAL B 304 -1.93 20.64 11.64
C VAL B 304 -1.52 22.09 11.55
N ALA B 305 -0.78 22.41 10.49
CA ALA B 305 -0.25 23.76 10.30
C ALA B 305 -1.30 24.70 9.75
N LEU B 306 -2.31 24.15 9.08
CA LEU B 306 -3.35 24.92 8.43
C LEU B 306 -4.40 25.37 9.48
N LYS B 307 -4.51 26.68 9.68
CA LYS B 307 -5.35 27.23 10.77
C LYS B 307 -6.80 26.75 10.72
N SER B 308 -7.41 26.85 9.54
CA SER B 308 -8.82 26.48 9.41
C SER B 308 -9.10 25.08 9.90
N TYR B 309 -8.26 24.11 9.55
CA TYR B 309 -8.52 22.73 9.95
C TYR B 309 -8.07 22.46 11.40
N GLU B 310 -6.98 23.09 11.83
CA GLU B 310 -6.54 22.93 13.22
C GLU B 310 -7.57 23.41 14.23
N GLU B 311 -8.29 24.47 13.90
CA GLU B 311 -9.34 25.00 14.80
C GLU B 311 -10.47 23.98 15.00
N GLU B 312 -10.71 23.15 13.99
CA GLU B 312 -11.64 22.03 14.12
C GLU B 312 -11.00 20.87 14.92
N LEU B 313 -9.77 20.52 14.56
CA LEU B 313 -9.08 19.41 15.22
C LEU B 313 -8.86 19.65 16.71
N ALA B 314 -8.62 20.91 17.10
CA ALA B 314 -8.34 21.25 18.51
C ALA B 314 -9.49 21.02 19.48
N LYS B 315 -10.69 20.83 18.95
CA LYS B 315 -11.82 20.35 19.77
C LYS B 315 -11.64 18.94 20.32
N ASP B 316 -10.74 18.17 19.71
CA ASP B 316 -10.39 16.83 20.15
C ASP B 316 -9.41 16.88 21.33
N PRO B 317 -9.79 16.30 22.50
CA PRO B 317 -8.86 16.29 23.63
C PRO B 317 -7.51 15.67 23.33
N ARG B 318 -7.44 14.75 22.36
CA ARG B 318 -6.18 14.12 21.98
C ARG B 318 -5.24 15.14 21.32
N ILE B 319 -5.81 16.06 20.57
CA ILE B 319 -5.08 17.13 19.94
C ILE B 319 -4.66 18.17 20.96
N ALA B 320 -5.54 18.54 21.89
CA ALA B 320 -5.17 19.45 22.98
C ALA B 320 -3.96 18.87 23.75
N ALA B 321 -3.97 17.56 23.99
CA ALA B 321 -2.85 16.91 24.68
C ALA B 321 -1.57 16.98 23.85
N THR B 322 -1.69 16.75 22.55
CA THR B 322 -0.55 16.82 21.65
C THR B 322 0.05 18.21 21.73
N MET B 323 -0.78 19.23 21.67
CA MET B 323 -0.31 20.63 21.76
C MET B 323 0.27 20.95 23.14
N GLU B 324 -0.26 20.38 24.21
CA GLU B 324 0.31 20.64 25.52
C GLU B 324 1.71 20.05 25.61
N ASN B 325 1.86 18.81 25.19
CA ASN B 325 3.19 18.20 25.12
C ASN B 325 4.13 18.96 24.19
N ALA B 326 3.63 19.43 23.05
CA ALA B 326 4.45 20.22 22.12
C ALA B 326 4.94 21.51 22.78
N GLN B 327 4.05 22.22 23.49
CA GLN B 327 4.44 23.48 24.13
C GLN B 327 5.37 23.28 25.32
N LYS B 328 5.38 22.10 25.93
CA LYS B 328 6.32 21.73 26.98
C LYS B 328 7.63 21.16 26.44
N GLY B 329 7.68 20.91 25.14
CA GLY B 329 8.87 20.39 24.49
C GLY B 329 9.65 21.49 23.82
N GLU B 330 10.42 21.12 22.80
CA GLU B 330 11.26 22.06 22.08
C GLU B 330 11.11 21.76 20.59
N ILE B 331 10.94 22.78 19.75
CA ILE B 331 10.94 22.52 18.26
C ILE B 331 12.35 22.09 17.91
N MET B 332 12.51 21.04 17.14
CA MET B 332 13.85 20.61 16.79
C MET B 332 14.58 21.68 16.01
N PRO B 333 15.92 21.78 16.22
CA PRO B 333 16.71 22.53 15.24
C PRO B 333 16.59 21.88 13.87
N ASN B 334 16.88 22.64 12.82
CA ASN B 334 16.92 22.06 11.44
C ASN B 334 18.31 22.05 10.86
N ILE B 335 19.30 22.30 11.67
CA ILE B 335 20.66 22.39 11.14
C ILE B 335 21.17 20.99 10.64
N PRO B 336 22.12 20.99 9.69
CA PRO B 336 22.55 19.70 9.10
C PRO B 336 23.08 18.67 10.14
N GLN B 337 23.64 19.17 11.25
CA GLN B 337 24.17 18.31 12.27
C GLN B 337 23.13 17.59 13.12
N MET B 338 21.84 17.84 12.91
CA MET B 338 20.82 17.09 13.59
C MET B 338 20.91 15.59 13.30
N SER B 339 21.22 15.18 12.07
CA SER B 339 21.28 13.73 11.83
C SER B 339 22.45 13.14 12.63
N ALA B 340 23.56 13.89 12.72
CA ALA B 340 24.71 13.45 13.51
C ALA B 340 24.35 13.27 14.98
N PHE B 341 23.63 14.25 15.52
CA PHE B 341 23.12 14.19 16.88
C PHE B 341 22.30 12.92 17.08
N TRP B 342 21.34 12.70 16.20
CA TRP B 342 20.47 11.56 16.37
C TRP B 342 21.19 10.22 16.28
N TYR B 343 22.14 10.09 15.37
CA TYR B 343 22.90 8.85 15.30
C TYR B 343 23.71 8.57 16.58
N ALA B 344 24.28 9.62 17.14
CA ALA B 344 25.08 9.50 18.40
C ALA B 344 24.17 9.13 19.56
N VAL B 345 23.04 9.81 19.69
CA VAL B 345 22.11 9.51 20.76
C VAL B 345 21.53 8.12 20.61
N ARG B 346 21.26 7.71 19.36
CA ARG B 346 20.73 6.37 19.14
C ARG B 346 21.65 5.32 19.73
N THR B 347 22.93 5.40 19.39
CA THR B 347 23.94 4.50 19.93
C THR B 347 24.06 4.57 21.46
N ALA B 348 24.06 5.77 21.99
CA ALA B 348 24.19 5.95 23.46
C ALA B 348 23.03 5.28 24.18
N VAL B 349 21.81 5.48 23.68
CA VAL B 349 20.64 4.90 24.34
C VAL B 349 20.66 3.37 24.21
N ILE B 350 20.91 2.85 23.01
CA ILE B 350 20.93 1.41 22.85
C ILE B 350 22.05 0.79 23.70
N ASN B 351 23.20 1.45 23.76
CA ASN B 351 24.34 0.89 24.48
C ASN B 351 24.09 0.88 25.98
N ALA B 352 23.54 1.96 26.50
CA ALA B 352 23.21 2.04 27.93
C ALA B 352 22.09 1.07 28.33
N ALA B 353 21.04 1.03 27.51
CA ALA B 353 19.90 0.15 27.74
C ALA B 353 20.26 -1.29 27.73
N SER B 354 21.17 -1.68 26.84
CA SER B 354 21.60 -3.08 26.69
C SER B 354 22.68 -3.50 27.68
N GLY B 355 23.31 -2.54 28.35
CA GLY B 355 24.43 -2.81 29.24
C GLY B 355 25.77 -2.97 28.53
N ARG B 356 25.84 -2.60 27.25
CA ARG B 356 27.13 -2.55 26.56
C ARG B 356 28.05 -1.47 27.10
N GLN B 357 27.45 -0.40 27.65
CA GLN B 357 28.22 0.66 28.30
C GLN B 357 27.46 1.12 29.50
N THR B 358 28.17 1.69 30.47
CA THR B 358 27.50 2.42 31.55
C THR B 358 26.87 3.68 30.96
N VAL B 359 25.95 4.28 31.70
CA VAL B 359 25.36 5.54 31.26
C VAL B 359 26.45 6.59 31.08
N ASP B 360 27.39 6.69 32.03
CA ASP B 360 28.47 7.68 31.90
C ASP B 360 29.29 7.48 30.61
N GLU B 361 29.70 6.24 30.37
CA GLU B 361 30.50 5.88 29.19
C GLU B 361 29.70 6.18 27.90
N ALA B 362 28.42 5.80 27.88
CA ALA B 362 27.60 5.97 26.69
C ALA B 362 27.45 7.45 26.34
N LEU B 363 27.19 8.28 27.34
CA LEU B 363 27.01 9.71 27.07
C LEU B 363 28.32 10.44 26.75
N LYS B 364 29.41 9.96 27.31
CA LYS B 364 30.71 10.46 26.95
C LYS B 364 31.00 10.19 25.43
N ASP B 365 30.75 8.96 24.99
CA ASP B 365 31.04 8.63 23.57
C ASP B 365 30.11 9.33 22.61
N ALA B 366 28.91 9.76 23.06
CA ALA B 366 28.02 10.53 22.18
C ALA B 366 28.66 11.79 21.57
N GLN B 367 29.60 12.40 22.30
CA GLN B 367 30.31 13.59 21.81
C GLN B 367 31.17 13.27 20.58
N THR B 368 31.98 12.22 20.71
CA THR B 368 32.87 11.84 19.62
C THR B 368 32.13 11.07 18.51
N ASN B 369 31.10 10.30 18.87
CA ASN B 369 30.30 9.62 17.90
C ASN B 369 29.48 10.61 17.05
N ALA B 370 29.04 11.73 17.66
CA ALA B 370 28.38 12.78 16.85
C ALA B 370 29.35 13.43 15.89
N ALA B 371 30.54 13.80 16.39
CA ALA B 371 31.52 14.46 15.53
C ALA B 371 31.98 13.52 14.37
N ALA B 372 32.02 12.23 14.67
CA ALA B 372 32.41 11.18 13.70
C ALA B 372 31.49 11.19 12.49
N GLU B 373 30.25 11.64 12.69
CA GLU B 373 29.25 11.72 11.62
C GLU B 373 29.41 12.89 10.68
N PHE B 374 30.14 13.92 11.10
CA PHE B 374 30.22 15.17 10.32
C PHE B 374 30.71 15.07 8.86
N PRO B 375 31.77 14.32 8.57
CA PRO B 375 32.15 14.25 7.13
C PRO B 375 31.11 13.63 6.21
N PHE B 376 30.28 12.73 6.76
CA PHE B 376 29.25 12.05 5.97
C PHE B 376 28.08 12.96 5.63
N LEU B 377 28.04 14.16 6.22
CA LEU B 377 27.06 15.16 5.78
C LEU B 377 27.43 15.77 4.44
N TYR B 378 28.66 15.56 3.95
CA TYR B 378 29.05 16.08 2.65
C TYR B 378 28.46 15.18 1.53
N VAL B 379 27.27 15.55 1.12
CA VAL B 379 26.58 14.84 0.06
C VAL B 379 26.32 15.85 -1.05
N VAL B 380 26.85 15.56 -2.22
CA VAL B 380 26.84 16.46 -3.36
C VAL B 380 26.50 15.68 -4.61
N GLY B 381 26.00 16.38 -5.60
CA GLY B 381 25.76 15.73 -6.90
C GLY B 381 25.88 16.74 -8.02
N ARG B 382 26.17 16.25 -9.22
CA ARG B 382 26.66 17.16 -10.29
C ARG B 382 25.57 17.70 -11.21
N LYS B 383 24.33 17.29 -10.97
CA LYS B 383 23.26 17.66 -11.89
C LYS B 383 23.10 19.18 -12.09
N LYS B 384 23.07 19.92 -10.98
CA LYS B 384 22.82 21.37 -11.06
C LYS B 384 23.94 22.08 -11.83
N MET B 385 25.17 21.72 -11.49
CA MET B 385 26.33 22.25 -12.21
C MET B 385 26.25 21.91 -13.72
N MET B 386 25.95 20.69 -14.08
N MET B 386 25.97 20.65 -14.06
CA MET B 386 25.86 20.35 -15.50
CA MET B 386 25.82 20.21 -15.48
C MET B 386 24.71 21.02 -16.23
C MET B 386 24.74 21.04 -16.21
N ASP B 387 23.57 21.19 -15.58
CA ASP B 387 22.45 21.96 -16.19
C ASP B 387 22.89 23.41 -16.43
N ALA B 388 23.60 23.99 -15.47
CA ALA B 388 24.12 25.33 -15.56
C ALA B 388 25.16 25.45 -16.65
N GLN B 389 26.01 24.43 -16.77
CA GLN B 389 26.99 24.42 -17.87
C GLN B 389 26.32 24.46 -19.25
N TYR B 390 25.38 23.58 -19.48
CA TYR B 390 24.68 23.50 -20.73
C TYR B 390 23.99 24.83 -21.07
N LYS B 391 23.30 25.40 -20.07
N LYS B 391 23.30 25.40 -20.09
CA LYS B 391 22.63 26.72 -20.22
CA LYS B 391 22.62 26.69 -20.27
C LYS B 391 23.62 27.81 -20.59
C LYS B 391 23.61 27.81 -20.59
N CYS B 392 24.76 27.81 -19.92
CA CYS B 392 25.81 28.77 -20.20
C CYS B 392 26.30 28.73 -21.65
N TYR B 393 26.74 27.55 -22.10
CA TYR B 393 27.24 27.43 -23.46
C TYR B 393 26.16 27.73 -24.51
N ASP B 394 24.89 27.40 -24.24
CA ASP B 394 23.78 27.85 -25.12
C ASP B 394 23.65 29.38 -25.18
N ARG B 395 23.69 30.00 -24.00
CA ARG B 395 23.50 31.46 -23.88
C ARG B 395 24.66 32.19 -24.57
N MET B 396 25.87 31.65 -24.46
CA MET B 396 27.01 32.16 -25.24
C MET B 396 26.87 32.16 -26.75
N GLN B 397 26.08 31.25 -27.29
CA GLN B 397 25.67 31.27 -28.71
C GLN B 397 24.61 32.29 -29.09
N GLN B 398 23.66 32.52 -28.20
CA GLN B 398 22.45 33.28 -28.50
C GLN B 398 22.63 34.81 -28.27
N LEU B 399 23.48 35.19 -27.32
CA LEU B 399 23.54 36.57 -26.88
C LEU B 399 24.22 37.42 -27.94
N PRO B 400 23.68 38.59 -28.25
CA PRO B 400 24.37 39.43 -29.26
C PRO B 400 25.79 39.83 -28.85
N ALA B 401 26.63 40.16 -29.82
CA ALA B 401 28.01 40.55 -29.55
C ALA B 401 28.01 41.83 -28.68
N TYR B 402 29.05 42.02 -27.89
CA TYR B 402 29.22 43.17 -27.01
C TYR B 402 29.24 44.46 -27.81
N GLN B 403 28.43 45.46 -27.42
CA GLN B 403 28.34 46.74 -28.14
C GLN B 403 28.91 47.95 -27.39
N GLY B 404 29.60 47.69 -26.29
CA GLY B 404 30.33 48.75 -25.57
C GLY B 404 31.60 49.11 -26.34
N GLU B 405 32.26 50.14 -25.84
N GLU B 405 31.88 50.41 -26.39
CA GLU B 405 33.62 50.47 -26.25
CA GLU B 405 32.71 50.99 -27.50
C GLU B 405 34.67 50.24 -25.13
C GLU B 405 34.20 50.68 -27.32
N GLY B 406 35.50 49.21 -25.29
N GLY B 406 34.56 50.03 -26.21
CA GLY B 406 36.87 49.30 -24.72
CA GLY B 406 35.95 49.69 -25.93
C GLY B 406 37.39 47.90 -24.67
C GLY B 406 36.07 48.18 -25.80
N PRO B 407 38.51 47.67 -23.96
N PRO B 407 37.28 47.68 -25.55
CA PRO B 407 38.92 46.28 -23.71
CA PRO B 407 37.53 46.22 -25.47
C PRO B 407 38.03 45.65 -22.65
C PRO B 407 36.66 45.54 -24.42
N TYR B 408 37.64 44.40 -22.88
N TYR B 408 36.48 44.23 -24.55
CA TYR B 408 36.73 43.67 -22.00
CA TYR B 408 35.74 43.47 -23.55
C TYR B 408 37.05 42.17 -22.10
C TYR B 408 36.30 42.06 -23.33
N CYS B 409 36.71 41.45 -21.03
N CYS B 409 35.94 41.51 -22.17
CA CYS B 409 36.78 39.99 -21.01
CA CYS B 409 36.65 40.39 -21.52
C CYS B 409 35.54 39.30 -21.60
C CYS B 409 35.61 39.28 -21.53
N ASN B 410 35.80 38.26 -22.42
CA ASN B 410 34.74 37.50 -23.10
C ASN B 410 33.93 36.59 -22.15
N ARG B 411 32.64 36.50 -22.47
CA ARG B 411 31.66 35.57 -21.89
C ARG B 411 32.37 34.21 -21.72
N THR B 412 32.17 33.53 -20.60
CA THR B 412 32.86 32.25 -20.36
C THR B 412 32.15 31.43 -19.26
N TRP B 413 32.27 30.09 -19.39
CA TRP B 413 31.89 29.15 -18.31
C TRP B 413 33.19 28.80 -17.59
N ASP B 414 33.28 29.07 -16.31
CA ASP B 414 34.50 28.82 -15.56
C ASP B 414 34.62 27.41 -14.95
N GLY B 415 33.61 26.57 -15.17
CA GLY B 415 33.55 25.23 -14.53
C GLY B 415 32.42 25.06 -13.52
N TRP B 416 32.12 26.14 -12.77
CA TRP B 416 31.03 26.18 -11.80
C TRP B 416 29.95 27.22 -12.12
N LEU B 417 30.33 28.33 -12.75
CA LEU B 417 29.42 29.45 -13.01
C LEU B 417 29.66 30.11 -14.35
N CYS B 418 28.61 30.79 -14.84
CA CYS B 418 28.60 31.46 -16.11
C CYS B 418 28.91 32.93 -15.87
N TRP B 419 29.66 33.51 -16.79
CA TRP B 419 29.99 34.93 -16.75
C TRP B 419 29.77 35.54 -18.14
N ASP B 420 29.33 36.80 -18.02
N ASP B 420 29.03 36.67 -18.29
CA ASP B 420 29.14 37.67 -19.11
CA ASP B 420 28.61 37.17 -19.66
C ASP B 420 30.45 38.41 -19.34
C ASP B 420 29.70 38.02 -20.40
N ASP B 421 30.55 38.93 -20.55
N ASP B 421 29.46 38.45 -21.64
CA ASP B 421 31.49 39.97 -20.90
CA ASP B 421 30.37 39.46 -22.23
C ASP B 421 31.59 41.04 -19.78
C ASP B 421 30.46 40.64 -21.26
N THR B 422 32.81 41.36 -19.36
N THR B 422 31.68 41.05 -20.91
CA THR B 422 33.04 42.25 -18.23
CA THR B 422 31.92 42.03 -19.85
C THR B 422 34.14 43.25 -18.56
C THR B 422 32.81 43.23 -20.22
N PRO B 423 33.92 44.54 -18.24
N PRO B 423 32.38 44.45 -19.87
CA PRO B 423 34.92 45.55 -18.56
CA PRO B 423 33.26 45.59 -20.22
C PRO B 423 36.30 45.32 -17.90
C PRO B 423 34.66 45.42 -19.60
N ALA B 424 37.36 45.79 -18.55
N ALA B 424 35.67 45.89 -20.37
CA ALA B 424 38.69 45.76 -17.95
CA ALA B 424 37.06 45.92 -19.89
C ALA B 424 38.79 46.43 -16.56
C ALA B 424 37.17 46.81 -18.63
N GLY B 425 39.53 45.79 -15.66
N GLY B 425 37.83 46.30 -17.59
CA GLY B 425 39.77 46.32 -14.31
CA GLY B 425 38.14 47.09 -16.38
C GLY B 425 38.67 46.03 -13.31
C GLY B 425 37.13 46.94 -15.25
N VAL B 426 37.54 45.48 -13.75
N VAL B 426 36.24 45.98 -15.39
CA VAL B 426 36.40 45.23 -12.86
CA VAL B 426 35.12 45.79 -14.48
C VAL B 426 36.48 43.88 -12.15
C VAL B 426 35.41 44.58 -13.64
N LEU B 427 36.19 43.91 -10.86
N LEU B 427 35.09 44.67 -12.35
CA LEU B 427 35.94 42.71 -10.08
CA LEU B 427 35.11 43.48 -11.50
C LEU B 427 34.44 42.39 -10.16
C LEU B 427 33.69 42.87 -11.38
N SER B 428 34.08 41.44 -11.03
N SER B 428 33.50 41.69 -11.95
CA SER B 428 32.67 41.06 -11.29
CA SER B 428 32.23 40.94 -11.79
C SER B 428 32.22 40.14 -10.19
C SER B 428 32.12 40.12 -10.48
N TYR B 429 30.90 40.01 -9.97
CA TYR B 429 30.53 39.16 -8.84
C TYR B 429 29.20 38.50 -9.04
N GLN B 430 29.01 37.41 -8.31
CA GLN B 430 27.68 36.79 -8.21
C GLN B 430 27.66 35.92 -6.97
N PHE B 431 26.48 35.39 -6.62
CA PHE B 431 26.39 34.58 -5.43
C PHE B 431 27.12 33.27 -5.58
N CYS B 432 27.68 32.79 -4.47
CA CYS B 432 28.29 31.47 -4.42
C CYS B 432 27.27 30.39 -4.77
N PRO B 433 27.72 29.36 -5.51
CA PRO B 433 26.78 28.31 -5.91
C PRO B 433 26.51 27.41 -4.70
N ASP B 434 25.40 26.72 -4.70
CA ASP B 434 25.07 25.83 -3.58
C ASP B 434 25.38 24.37 -3.86
N TYR B 435 26.39 24.12 -4.72
CA TYR B 435 26.77 22.76 -5.07
C TYR B 435 27.39 22.00 -3.89
N PHE B 436 28.06 22.69 -2.98
CA PHE B 436 28.83 22.07 -1.95
C PHE B 436 28.38 22.55 -0.61
N PRO B 437 28.20 21.65 0.36
CA PRO B 437 27.53 22.13 1.58
C PRO B 437 28.37 23.02 2.49
N ASP B 438 29.71 23.02 2.31
CA ASP B 438 30.54 24.00 2.98
C ASP B 438 30.51 25.38 2.40
N PHE B 439 29.83 25.57 1.27
CA PHE B 439 29.62 26.88 0.68
C PHE B 439 28.41 27.58 1.28
N ASP B 440 28.57 28.89 1.50
CA ASP B 440 27.49 29.77 1.93
C ASP B 440 26.99 30.50 0.69
N PRO B 441 25.75 30.20 0.22
CA PRO B 441 25.27 30.87 -1.00
C PRO B 441 24.91 32.35 -0.86
N SER B 442 24.93 32.89 0.34
CA SER B 442 24.80 34.32 0.53
C SER B 442 26.14 35.06 0.39
N GLU B 443 27.27 34.33 0.38
CA GLU B 443 28.57 34.96 0.06
C GLU B 443 28.74 35.08 -1.43
N LYS B 444 29.77 35.79 -1.84
CA LYS B 444 29.98 36.14 -3.25
C LYS B 444 31.25 35.54 -3.83
N VAL B 445 31.15 35.26 -5.11
CA VAL B 445 32.27 34.84 -5.95
CA VAL B 445 32.26 34.85 -5.96
C VAL B 445 32.67 36.07 -6.73
N THR B 446 33.98 36.29 -6.88
CA THR B 446 34.44 37.36 -7.70
C THR B 446 35.28 36.86 -8.87
N LYS B 447 35.19 37.56 -9.98
CA LYS B 447 36.04 37.25 -11.13
C LYS B 447 36.59 38.57 -11.63
N TYR B 448 37.92 38.66 -11.56
CA TYR B 448 38.66 39.87 -11.88
C TYR B 448 38.99 39.93 -13.36
N CYS B 449 38.41 40.89 -14.09
N CYS B 449 38.36 40.87 -14.03
CA CYS B 449 38.84 41.24 -15.44
CA CYS B 449 38.68 41.19 -15.39
C CYS B 449 40.07 42.14 -15.24
C CYS B 449 39.77 42.30 -15.54
N ASP B 450 41.28 41.67 -15.58
N ASP B 450 40.15 42.71 -16.79
CA ASP B 450 42.47 42.56 -15.47
CA ASP B 450 41.03 43.92 -16.95
C ASP B 450 42.42 43.74 -16.47
C ASP B 450 40.76 44.96 -18.10
N GLU B 451 43.42 44.62 -16.39
N GLU B 451 41.46 46.09 -18.03
CA GLU B 451 43.42 45.82 -17.23
CA GLU B 451 41.26 47.24 -18.93
C GLU B 451 43.39 45.69 -18.79
C GLU B 451 41.62 46.88 -20.37
N LYS B 452 43.53 44.47 -19.37
N LYS B 452 42.36 45.80 -20.51
CA LYS B 452 43.58 44.29 -20.86
CA LYS B 452 42.70 45.28 -21.82
C LYS B 452 42.38 43.61 -21.65
C LYS B 452 41.87 44.05 -22.09
N GLY B 453 41.21 43.50 -21.03
CA GLY B 453 40.15 42.57 -21.38
C GLY B 453 40.51 41.10 -21.34
N VAL B 454 41.38 40.75 -20.40
CA VAL B 454 41.80 39.39 -20.11
C VAL B 454 41.38 39.02 -18.70
N TRP B 455 40.65 37.90 -18.55
CA TRP B 455 40.28 37.43 -17.22
C TRP B 455 41.51 37.01 -16.45
N PHE B 456 41.49 37.30 -15.14
CA PHE B 456 42.59 36.99 -14.22
C PHE B 456 42.97 35.53 -14.28
N LYS B 457 44.28 35.29 -14.32
CA LYS B 457 44.82 33.97 -14.20
C LYS B 457 45.47 33.82 -12.86
N HIS B 458 45.28 32.67 -12.23
CA HIS B 458 45.93 32.41 -10.98
C HIS B 458 47.43 32.33 -11.23
N PRO B 459 48.27 33.05 -10.45
CA PRO B 459 49.70 33.00 -10.75
C PRO B 459 50.35 31.64 -10.50
N GLU B 460 49.79 30.81 -9.62
CA GLU B 460 50.38 29.50 -9.34
C GLU B 460 50.43 28.54 -10.53
N ASN B 461 49.45 28.63 -11.43
CA ASN B 461 49.42 27.79 -12.64
C ASN B 461 49.08 28.54 -13.93
N ASN B 462 48.96 29.86 -13.87
CA ASN B 462 48.67 30.67 -15.04
C ASN B 462 47.38 30.23 -15.78
N ARG B 463 46.37 29.75 -15.03
CA ARG B 463 45.08 29.39 -15.62
C ARG B 463 44.02 30.35 -15.10
N THR B 464 43.09 30.68 -16.00
CA THR B 464 41.92 31.54 -15.71
C THR B 464 41.22 30.99 -14.50
N TRP B 465 40.95 31.90 -13.55
CA TRP B 465 40.56 31.50 -12.22
C TRP B 465 39.56 32.54 -11.67
N SER B 466 38.36 32.05 -11.34
CA SER B 466 37.36 32.80 -10.59
C SER B 466 37.69 32.56 -9.13
N ASN B 467 37.39 33.56 -8.28
CA ASN B 467 37.71 33.52 -6.86
C ASN B 467 36.47 33.09 -6.04
N TYR B 468 36.44 31.83 -5.65
CA TYR B 468 35.41 31.22 -4.81
C TYR B 468 35.77 31.18 -3.29
N THR B 469 36.88 31.84 -2.89
CA THR B 469 37.42 31.66 -1.54
C THR B 469 36.49 32.20 -0.43
N MET B 470 35.66 33.21 -0.72
CA MET B 470 34.73 33.70 0.33
CA MET B 470 34.71 33.75 0.31
C MET B 470 33.56 32.74 0.54
N CYS B 471 33.34 31.82 -0.41
CA CYS B 471 32.23 30.88 -0.29
C CYS B 471 32.34 30.01 0.93
N ASN B 472 33.55 29.59 1.28
CA ASN B 472 33.75 28.71 2.42
C ASN B 472 34.84 29.15 3.42
N ALA B 473 35.19 30.42 3.41
CA ALA B 473 36.17 30.98 4.37
C ALA B 473 35.64 30.97 5.82
N PHE B 474 36.50 30.72 6.81
CA PHE B 474 36.16 30.58 8.27
C PHE B 474 35.35 29.31 8.50
N LEU C 1 -30.25 -34.10 -13.88
CA LEU C 1 -28.82 -34.15 -14.26
C LEU C 1 -28.00 -33.52 -13.10
N HIS C 2 -27.02 -34.27 -12.59
CA HIS C 2 -26.22 -33.90 -11.43
C HIS C 2 -24.82 -33.44 -11.89
N LYS C 3 -24.13 -32.67 -11.04
CA LYS C 3 -22.95 -31.95 -11.47
C LYS C 3 -21.80 -32.77 -12.00
N LEU C 4 -21.68 -34.04 -11.62
CA LEU C 4 -20.58 -34.84 -12.22
C LEU C 4 -20.93 -35.45 -13.58
N GLN C 5 -22.21 -35.44 -13.92
CA GLN C 5 -22.67 -36.17 -15.11
C GLN C 5 -22.41 -35.42 -16.42
N THR C 6 -22.00 -34.17 -16.35
CA THR C 6 -21.78 -33.40 -17.56
C THR C 6 -20.38 -33.61 -18.09
N TYR C 7 -19.48 -34.13 -17.27
CA TYR C 7 -18.07 -34.22 -17.64
C TYR C 7 -17.81 -35.36 -18.58
N PRO C 8 -16.75 -35.23 -19.40
CA PRO C 8 -16.29 -36.39 -20.15
C PRO C 8 -16.02 -37.56 -19.18
N ARG C 9 -16.34 -38.78 -19.61
CA ARG C 9 -16.28 -39.93 -18.73
C ARG C 9 -14.92 -40.62 -18.74
N THR C 10 -14.25 -40.61 -17.59
CA THR C 10 -12.96 -41.26 -17.39
C THR C 10 -13.11 -42.78 -17.44
N ASN C 11 -12.22 -43.43 -18.20
CA ASN C 11 -12.26 -44.89 -18.32
C ASN C 11 -11.89 -45.56 -17.02
N THR C 12 -12.70 -46.54 -16.57
CA THR C 12 -12.35 -47.37 -15.40
C THR C 12 -12.41 -48.91 -15.68
N GLY C 13 -12.66 -49.29 -16.94
CA GLY C 13 -12.69 -50.69 -17.33
C GLY C 13 -11.34 -51.38 -17.34
N SER C 14 -11.31 -52.56 -17.92
CA SER C 14 -10.04 -53.25 -18.12
C SER C 14 -9.14 -52.36 -18.96
N GLY C 15 -7.84 -52.50 -18.73
CA GLY C 15 -6.84 -51.67 -19.40
C GLY C 15 -6.67 -50.32 -18.74
N THR C 16 -7.24 -50.17 -17.51
CA THR C 16 -6.96 -49.04 -16.64
C THR C 16 -6.40 -49.60 -15.32
N PRO C 17 -5.96 -48.73 -14.41
CA PRO C 17 -5.47 -49.26 -13.14
C PRO C 17 -6.44 -50.09 -12.28
N NH2 C 18 -7.78 -49.97 -12.48
N LEU D 1 32.07 26.76 17.47
CA LEU D 1 32.00 26.01 16.18
C LEU D 1 30.64 26.28 15.51
N HIS D 2 30.68 26.76 14.27
CA HIS D 2 29.50 27.13 13.48
C HIS D 2 29.21 26.02 12.43
N LYS D 3 27.96 25.98 11.98
CA LYS D 3 27.44 24.80 11.26
C LYS D 3 28.14 24.47 9.97
N LEU D 4 28.81 25.42 9.31
CA LEU D 4 29.54 25.03 8.10
C LEU D 4 30.95 24.50 8.36
N GLN D 5 31.46 24.70 9.57
CA GLN D 5 32.85 24.39 9.87
C GLN D 5 33.13 22.92 10.06
N THR D 6 32.12 22.08 10.15
CA THR D 6 32.31 20.67 10.41
C THR D 6 32.56 19.92 9.12
N TYR D 7 32.21 20.52 7.99
CA TYR D 7 32.27 19.81 6.73
C TYR D 7 33.67 19.68 6.20
N PRO D 8 33.92 18.63 5.40
CA PRO D 8 35.13 18.61 4.62
C PRO D 8 35.24 19.89 3.78
N ARG D 9 36.46 20.41 3.64
N ARG D 9 36.48 20.38 3.61
CA ARG D 9 36.68 21.71 3.00
CA ARG D 9 36.75 21.65 2.95
C ARG D 9 36.92 21.55 1.49
C ARG D 9 36.94 21.54 1.45
N THR D 10 35.99 22.10 0.70
CA THR D 10 36.08 22.10 -0.78
C THR D 10 37.23 23.00 -1.20
N ASN D 11 38.06 22.51 -2.10
CA ASN D 11 39.20 23.25 -2.61
CA ASN D 11 39.21 23.25 -2.63
C ASN D 11 38.73 24.43 -3.44
N THR D 12 39.29 25.63 -3.18
CA THR D 12 39.06 26.82 -3.98
C THR D 12 40.36 27.53 -4.46
N GLY D 13 41.52 26.91 -4.21
CA GLY D 13 42.80 27.45 -4.65
C GLY D 13 43.01 27.33 -6.16
N SER D 14 44.24 27.57 -6.57
CA SER D 14 44.60 27.42 -7.97
C SER D 14 44.36 25.93 -8.33
N GLY D 15 44.01 25.71 -9.59
CA GLY D 15 43.68 24.37 -10.05
C GLY D 15 42.25 23.99 -9.76
N THR D 16 41.43 24.97 -9.34
CA THR D 16 39.98 24.85 -9.28
C THR D 16 39.37 25.93 -10.19
N PRO D 17 38.05 25.91 -10.37
CA PRO D 17 37.45 26.95 -11.21
C PRO D 17 37.62 28.44 -10.71
N NH2 D 18 37.95 28.59 -9.44
C1 GLC E . -16.14 -8.09 -10.06
C2 GLC E . -16.53 -9.26 -9.13
C3 GLC E . -16.75 -10.58 -9.81
C4 GLC E . -17.56 -10.40 -11.16
C5 GLC E . -16.82 -9.43 -12.06
C6 GLC E . -17.67 -9.09 -13.30
O1 GLC E . -14.82 -8.21 -10.26
O2 GLC E . -15.52 -9.53 -8.13
O3 GLC E . -17.51 -11.42 -8.96
O4 GLC E . -17.58 -11.65 -11.75
O5 GLC E . -16.68 -8.17 -11.40
O6 GLC E . -16.84 -8.39 -14.22
C1 GLC E . -18.77 -12.40 -11.64
C2 GLC E . -18.43 -13.88 -11.43
C3 GLC E . -17.55 -14.35 -12.57
C4 GLC E . -18.32 -14.22 -13.87
C5 GLC E . -18.74 -12.78 -14.08
C6 GLC E . -19.79 -12.62 -15.19
O2 GLC E . -17.72 -13.98 -10.17
O3 GLC E . -17.21 -15.74 -12.39
O4 GLC E . -17.49 -14.71 -14.94
O5 GLC E . -19.45 -12.27 -12.90
O6 GLC E . -19.95 -11.22 -15.64
C1 GLC F . 7.92 9.57 13.35
C2 GLC F . 8.17 11.08 13.21
C3 GLC F . 9.65 11.43 13.00
C4 GLC F . 10.58 10.63 13.93
C5 GLC F . 10.35 9.13 13.82
C6 GLC F . 11.12 8.31 14.88
O1 GLC F . 7.94 9.09 12.10
O2 GLC F . 7.48 11.62 12.07
O3 GLC F . 9.77 12.84 13.29
O4 GLC F . 11.94 10.86 13.63
O5 GLC F . 8.98 8.81 13.98
O6 GLC F . 11.25 6.96 14.49
C1 GLC F . 12.63 11.83 14.41
C2 GLC F . 13.40 12.76 13.50
C3 GLC F . 14.41 11.93 12.71
C4 GLC F . 15.33 11.13 13.62
C5 GLC F . 14.51 10.26 14.60
C6 GLC F . 15.37 9.65 15.73
O2 GLC F . 12.44 13.50 12.70
O3 GLC F . 15.14 12.81 11.84
O4 GLC F . 16.26 10.31 12.84
O5 GLC F . 13.50 11.09 15.23
O6 GLC F . 14.75 8.57 16.47
C1 NAG G . 5.64 -61.02 -2.95
C2 NAG G . 6.25 -61.76 -4.15
C3 NAG G . 7.35 -62.69 -3.65
C4 NAG G . 8.34 -61.94 -2.75
C5 NAG G . 7.61 -61.27 -1.60
C6 NAG G . 8.51 -60.42 -0.71
C7 NAG G . 4.70 -62.17 -6.08
C8 NAG G . 3.65 -63.10 -6.60
N2 NAG G . 5.26 -62.51 -4.91
O3 NAG G . 7.99 -63.28 -4.76
O4 NAG G . 9.28 -62.87 -2.23
O5 NAG G . 6.62 -60.38 -2.15
O6 NAG G . 8.81 -59.17 -1.30
O7 NAG G . 5.04 -61.17 -6.71
C1 NAG H . -16.53 -53.37 -9.26
C2 NAG H . -17.05 -54.75 -9.69
C3 NAG H . -18.55 -54.69 -9.97
C4 NAG H . -19.33 -54.02 -8.83
C5 NAG H . -18.69 -52.67 -8.46
C6 NAG H . -19.29 -52.05 -7.22
C7 NAG H . -15.41 -56.22 -10.79
C8 NAG H . -14.99 -56.80 -12.11
N2 NAG H . -16.32 -55.22 -10.84
O3 NAG H . -19.03 -56.01 -10.18
O4 NAG H . -20.67 -53.77 -9.24
O5 NAG H . -17.29 -52.86 -8.18
O6 NAG H . -19.13 -52.89 -6.07
O7 NAG H . -14.95 -56.63 -9.72
S SO4 I . 15.10 26.67 -7.07
O1 SO4 I . 15.76 25.32 -6.97
O2 SO4 I . 15.99 27.62 -7.79
O3 SO4 I . 14.90 27.28 -5.74
O4 SO4 I . 13.87 26.48 -7.84
C1 NAG J . 36.92 37.14 -27.44
C2 NAG J . 38.21 36.62 -28.07
C3 NAG J . 38.37 37.23 -29.47
C4 NAG J . 37.07 37.22 -30.29
C5 NAG J . 35.92 37.79 -29.46
C6 NAG J . 34.59 37.78 -30.18
C7 NAG J . 40.17 36.13 -26.57
C8 NAG J . 41.01 36.71 -25.47
N2 NAG J . 39.31 36.99 -27.18
O3 NAG J . 39.41 36.54 -30.15
O4 NAG J . 37.19 38.03 -31.45
O5 NAG J . 35.80 36.95 -28.31
O6 NAG J . 34.28 36.46 -30.55
O7 NAG J . 40.27 34.95 -26.88
C1 NAG K . 40.15 36.18 -3.50
C2 NAG K . 41.50 36.90 -3.68
C3 NAG K . 42.04 37.32 -2.31
C4 NAG K . 41.00 38.08 -1.51
C5 NAG K . 39.73 37.24 -1.40
C6 NAG K . 38.61 37.96 -0.66
C7 NAG K . 43.12 36.25 -5.43
C8 NAG K . 44.22 35.30 -5.77
N2 NAG K . 42.49 36.02 -4.29
O3 NAG K . 43.20 38.10 -2.57
O4 NAG K . 41.49 38.35 -0.21
O5 NAG K . 39.25 36.96 -2.72
O6 NAG K . 38.38 39.25 -1.25
O7 NAG K . 42.83 37.19 -6.17
#